data_4DU5
#
_entry.id   4DU5
#
_cell.length_a   82.923
_cell.length_b   83.084
_cell.length_c   196.202
_cell.angle_alpha   90.00
_cell.angle_beta   90.00
_cell.angle_gamma   90.00
#
_symmetry.space_group_name_H-M   'P 21 21 21'
#
loop_
_entity.id
_entity.type
_entity.pdbx_description
1 polymer PfkB
2 non-polymer 'CHLORIDE ION'
3 water water
#
_entity_poly.entity_id   1
_entity_poly.type   'polypeptide(L)'
_entity_poly.pdbx_seq_one_letter_code
;(MSE)HHHHHHSSGVDLGTENLYFQS(MSE)TSALDVITFGEA(MSE)(MSE)LLVADRPGPLEHAEAFHKRTAGAETNV
AIGLARLGLKVGWASRLGTDS(MSE)GRYLLAA(MSE)AAEGIDCSHVVCDATQKTGFQFKGKVTDGSDPPVEYHRKGSA
ASH(MSE)GVADIDEAWLLSARHLHATGVFPAISATTLPAARKT(MSE)DL(MSE)RAAGRSVSFDPNLRPTLWATPEL
(MSE)RDAINDLATRADWVLPG(MSE)EEGRFLTGETTPEGVARFYRQLGAKLVVVKLGAEGAYFDGEAGSGRVAGFPVA
EVVDTVGAGDGFAVGVISALLDGLGVPEAVKRGAWIGARAVQVLGDSEGLPTRAELNAAKL
;
_entity_poly.pdbx_strand_id   A,B,C,D
#
# COMPACT_ATOMS: atom_id res chain seq x y z
N ALA A 26 -11.38 -14.61 17.14
CA ALA A 26 -10.63 -14.11 18.36
C ALA A 26 -9.09 -13.93 18.19
N LEU A 27 -8.46 -14.89 17.50
CA LEU A 27 -7.06 -14.82 17.07
C LEU A 27 -6.96 -15.15 15.58
N ASP A 28 -6.12 -14.40 14.87
CA ASP A 28 -5.87 -14.71 13.46
C ASP A 28 -5.12 -16.02 13.29
N VAL A 29 -4.02 -16.19 14.02
CA VAL A 29 -3.09 -17.33 13.80
C VAL A 29 -2.50 -17.94 15.11
N ILE A 30 -2.61 -19.26 15.25
CA ILE A 30 -1.88 -19.96 16.29
C ILE A 30 -0.68 -20.75 15.71
N THR A 31 0.49 -20.72 16.39
CA THR A 31 1.56 -21.74 16.16
C THR A 31 2.02 -22.45 17.41
N PHE A 32 2.50 -23.67 17.19
CA PHE A 32 3.14 -24.51 18.18
C PHE A 32 4.65 -24.60 17.91
N GLY A 33 5.46 -24.44 18.95
CA GLY A 33 6.89 -24.56 18.72
C GLY A 33 7.77 -24.10 19.85
N GLU A 34 9.05 -24.41 19.71
CA GLU A 34 10.00 -24.15 20.74
C GLU A 34 10.77 -22.90 20.42
N ALA A 35 10.74 -21.94 21.32
CA ALA A 35 11.71 -20.87 21.23
C ALA A 35 12.91 -21.23 22.08
N LEU A 38 19.07 -17.15 22.07
CA LEU A 38 20.18 -17.10 21.13
C LEU A 38 21.30 -16.22 21.63
N LEU A 39 22.44 -16.84 21.94
CA LEU A 39 23.63 -16.10 22.33
C LEU A 39 24.59 -15.90 21.14
N VAL A 40 24.83 -14.64 20.80
CA VAL A 40 25.58 -14.30 19.60
C VAL A 40 26.95 -13.79 19.96
N ALA A 41 27.99 -14.41 19.41
CA ALA A 41 29.35 -13.98 19.75
C ALA A 41 29.58 -12.54 19.27
N ASP A 42 30.22 -11.72 20.10
CA ASP A 42 30.46 -10.29 19.79
C ASP A 42 31.64 -10.05 18.79
N ARG A 43 32.45 -11.08 18.51
CA ARG A 43 33.55 -11.02 17.53
C ARG A 43 33.71 -12.34 16.70
N PRO A 44 34.28 -12.24 15.49
CA PRO A 44 34.25 -13.30 14.46
C PRO A 44 34.94 -14.64 14.78
N GLY A 45 35.72 -14.72 15.86
CA GLY A 45 36.47 -15.93 16.15
C GLY A 45 35.64 -17.22 16.26
N PRO A 46 36.30 -18.37 16.51
CA PRO A 46 35.50 -19.52 16.92
C PRO A 46 34.83 -19.24 18.27
N LEU A 47 33.86 -20.08 18.62
CA LEU A 47 33.01 -19.85 19.77
C LEU A 47 33.76 -19.82 21.09
N GLU A 48 34.65 -20.78 21.31
CA GLU A 48 35.43 -20.87 22.55
C GLU A 48 36.31 -19.67 22.83
N HIS A 49 36.59 -18.87 21.82
CA HIS A 49 37.44 -17.69 21.98
C HIS A 49 36.65 -16.40 22.10
N ALA A 50 35.32 -16.50 22.09
CA ALA A 50 34.48 -15.33 22.33
C ALA A 50 34.74 -14.82 23.73
N GLU A 51 34.30 -13.61 24.01
CA GLU A 51 34.51 -13.02 25.34
C GLU A 51 33.23 -12.33 25.78
N ALA A 52 32.35 -12.04 24.82
CA ALA A 52 31.04 -11.45 25.10
C ALA A 52 30.00 -12.08 24.20
N PHE A 53 28.73 -12.02 24.62
CA PHE A 53 27.59 -12.47 23.77
C PHE A 53 26.41 -11.49 23.89
N HIS A 54 25.65 -11.34 22.79
CA HIS A 54 24.39 -10.62 22.83
C HIS A 54 23.16 -11.54 22.83
N LYS A 55 22.11 -11.07 23.52
CA LYS A 55 20.83 -11.77 23.63
C LYS A 55 19.85 -11.55 22.46
N ARG A 56 19.40 -12.66 21.87
CA ARG A 56 18.28 -12.63 20.94
C ARG A 56 17.37 -13.85 21.12
N THR A 57 16.34 -13.92 20.29
CA THR A 57 15.39 -15.01 20.22
C THR A 57 15.73 -15.92 19.03
N ALA A 58 15.39 -17.19 19.15
CA ALA A 58 15.51 -18.12 18.06
C ALA A 58 14.28 -18.98 18.03
N GLY A 59 13.97 -19.56 16.90
CA GLY A 59 12.98 -20.58 16.79
C GLY A 59 11.99 -20.31 15.72
N ALA A 60 11.83 -21.25 14.84
CA ALA A 60 11.20 -21.06 13.56
C ALA A 60 9.77 -20.63 13.64
N GLU A 61 9.04 -21.25 14.50
CA GLU A 61 7.67 -20.87 14.63
C GLU A 61 7.55 -19.48 15.24
N THR A 62 8.47 -19.15 16.15
CA THR A 62 8.35 -17.87 16.82
C THR A 62 8.70 -16.73 15.91
N ASN A 63 9.76 -16.88 15.12
CA ASN A 63 10.13 -15.86 14.12
C ASN A 63 8.92 -15.55 13.23
N VAL A 64 8.22 -16.59 12.79
CA VAL A 64 7.04 -16.35 11.95
C VAL A 64 5.97 -15.57 12.77
N ALA A 65 5.85 -15.95 14.04
CA ALA A 65 4.87 -15.35 14.92
C ALA A 65 5.17 -13.85 15.13
N ILE A 66 6.41 -13.51 15.40
CA ILE A 66 6.84 -12.10 15.52
C ILE A 66 6.57 -11.22 14.28
N GLY A 67 6.74 -11.77 13.08
CA GLY A 67 6.43 -11.06 11.85
C GLY A 67 4.94 -10.84 11.64
N LEU A 68 4.17 -11.92 11.67
CA LEU A 68 2.72 -11.81 11.69
C LEU A 68 2.19 -10.87 12.75
N ALA A 69 2.78 -10.83 13.95
CA ALA A 69 2.32 -9.92 15.00
C ALA A 69 2.70 -8.45 14.68
N ARG A 70 3.89 -8.25 14.11
CA ARG A 70 4.28 -6.90 13.67
C ARG A 70 3.45 -6.41 12.48
N LEU A 71 2.84 -7.31 11.74
CA LEU A 71 2.00 -6.90 10.64
C LEU A 71 0.58 -6.58 11.10
N GLY A 72 0.32 -6.67 12.40
CA GLY A 72 -0.99 -6.31 12.94
C GLY A 72 -1.88 -7.48 13.33
N LEU A 73 -1.54 -8.69 12.93
CA LEU A 73 -2.36 -9.86 13.21
C LEU A 73 -2.36 -10.29 14.69
N LYS A 74 -3.45 -10.93 15.07
CA LYS A 74 -3.69 -11.41 16.41
C LYS A 74 -3.08 -12.81 16.40
N VAL A 75 -1.97 -12.98 17.07
CA VAL A 75 -1.24 -14.24 17.05
C VAL A 75 -1.09 -14.82 18.45
N GLY A 76 -1.42 -16.11 18.58
CA GLY A 76 -1.22 -16.84 19.80
C GLY A 76 -0.18 -17.91 19.64
N TRP A 77 0.77 -17.98 20.58
CA TRP A 77 1.83 -18.98 20.59
C TRP A 77 1.67 -19.99 21.72
N ALA A 78 1.90 -21.25 21.41
CA ALA A 78 1.83 -22.30 22.41
C ALA A 78 3.19 -22.96 22.59
N SER A 79 3.67 -23.03 23.83
CA SER A 79 4.98 -23.60 24.13
C SER A 79 5.18 -23.94 25.64
N ARG A 80 6.33 -24.53 25.96
CA ARG A 80 6.76 -24.70 27.34
C ARG A 80 8.08 -23.99 27.44
N LEU A 81 8.38 -23.48 28.64
CA LEU A 81 9.68 -22.91 28.97
C LEU A 81 9.96 -23.19 30.45
N GLY A 82 11.22 -23.18 30.85
CA GLY A 82 11.55 -23.15 32.26
C GLY A 82 11.16 -21.80 32.86
N THR A 83 11.29 -21.69 34.18
CA THR A 83 11.05 -20.43 34.89
C THR A 83 12.41 -19.87 35.29
N ASP A 84 13.47 -20.41 34.69
CA ASP A 84 14.82 -19.83 34.74
C ASP A 84 14.84 -18.49 34.02
N SER A 85 15.94 -17.74 34.18
CA SER A 85 16.03 -16.39 33.59
C SER A 85 15.89 -16.36 32.07
N GLY A 87 14.08 -18.54 30.27
CA GLY A 87 12.67 -18.75 30.06
C GLY A 87 11.90 -17.47 30.25
N ARG A 88 12.25 -16.72 31.28
CA ARG A 88 11.51 -15.49 31.58
C ARG A 88 11.82 -14.43 30.53
N TYR A 89 13.04 -14.44 29.99
CA TYR A 89 13.37 -13.58 28.88
C TYR A 89 12.50 -13.92 27.64
N LEU A 90 12.39 -15.20 27.32
CA LEU A 90 11.66 -15.62 26.14
C LEU A 90 10.18 -15.29 26.21
N LEU A 91 9.59 -15.45 27.38
CA LEU A 91 8.21 -15.14 27.59
C LEU A 91 7.99 -13.63 27.41
N ALA A 92 8.85 -12.83 28.01
CA ALA A 92 8.73 -11.38 27.94
C ALA A 92 9.04 -10.78 26.57
N ALA A 93 9.98 -11.36 25.82
CA ALA A 93 10.32 -10.81 24.49
C ALA A 93 9.25 -11.19 23.48
N ALA A 95 6.01 -11.57 24.37
CA ALA A 95 4.85 -10.77 24.76
C ALA A 95 4.98 -9.29 24.42
N ALA A 96 6.20 -8.77 24.36
CA ALA A 96 6.39 -7.36 24.03
C ALA A 96 6.22 -7.19 22.53
N GLU A 97 5.95 -8.28 21.85
CA GLU A 97 5.67 -8.23 20.42
C GLU A 97 4.18 -8.24 20.15
N GLY A 98 3.37 -8.41 21.19
CA GLY A 98 1.93 -8.51 21.03
C GLY A 98 1.35 -9.91 20.84
N ILE A 99 2.19 -10.94 21.00
CA ILE A 99 1.77 -12.33 20.88
C ILE A 99 1.03 -12.80 22.11
N ASP A 100 -0.15 -13.40 21.92
CA ASP A 100 -0.88 -14.08 23.01
C ASP A 100 -0.05 -15.25 23.61
N CYS A 101 0.52 -15.01 24.79
CA CYS A 101 1.34 -16.02 25.47
C CYS A 101 0.62 -16.88 26.55
N SER A 102 -0.68 -16.71 26.70
CA SER A 102 -1.48 -17.42 27.70
C SER A 102 -1.27 -18.94 27.69
N HIS A 103 -0.77 -19.47 26.59
CA HIS A 103 -0.61 -20.92 26.49
C HIS A 103 0.83 -21.34 26.49
N VAL A 104 1.67 -20.45 27.01
CA VAL A 104 3.01 -20.83 27.31
C VAL A 104 3.07 -21.27 28.77
N VAL A 105 3.19 -22.57 28.97
CA VAL A 105 3.39 -23.10 30.29
C VAL A 105 4.85 -22.84 30.69
N CYS A 106 5.01 -22.11 31.78
CA CYS A 106 6.30 -21.99 32.40
C CYS A 106 6.37 -22.97 33.56
N ASP A 107 6.97 -24.13 33.30
CA ASP A 107 7.08 -25.24 34.22
C ASP A 107 8.42 -25.24 34.97
N ALA A 108 8.40 -24.88 36.26
CA ALA A 108 9.64 -24.83 37.05
C ALA A 108 10.55 -26.10 37.08
N THR A 109 10.01 -27.27 36.71
CA THR A 109 10.73 -28.57 36.79
C THR A 109 11.54 -28.90 35.52
N GLN A 110 11.48 -28.01 34.54
CA GLN A 110 12.01 -28.32 33.22
C GLN A 110 12.89 -27.18 32.79
N LYS A 111 13.75 -27.42 31.79
CA LYS A 111 14.78 -26.43 31.37
C LYS A 111 14.54 -25.70 30.01
N THR A 112 14.94 -24.43 29.93
CA THR A 112 14.80 -23.62 28.70
C THR A 112 15.95 -23.90 27.74
N GLY A 113 15.64 -24.08 26.47
CA GLY A 113 16.65 -24.25 25.44
C GLY A 113 17.41 -23.00 25.12
N PHE A 114 18.60 -23.16 24.54
CA PHE A 114 19.40 -22.00 24.14
C PHE A 114 20.36 -22.35 23.03
N GLN A 115 20.89 -21.35 22.35
CA GLN A 115 21.89 -21.61 21.32
C GLN A 115 23.00 -20.56 21.28
N PHE A 116 24.10 -20.91 20.63
CA PHE A 116 25.21 -19.99 20.36
C PHE A 116 25.36 -19.85 18.84
N LYS A 117 25.51 -18.61 18.37
CA LYS A 117 25.95 -18.34 16.98
C LYS A 117 27.24 -17.57 17.08
N GLY A 118 28.16 -17.83 16.15
CA GLY A 118 29.36 -16.99 16.02
C GLY A 118 29.04 -15.88 15.04
N LYS A 119 29.83 -14.81 15.05
CA LYS A 119 29.76 -13.80 13.98
C LYS A 119 30.52 -14.28 12.75
N VAL A 120 30.07 -13.94 11.54
CA VAL A 120 30.81 -14.28 10.31
C VAL A 120 31.45 -13.09 9.63
N THR A 121 32.76 -13.13 9.42
CA THR A 121 33.41 -12.00 8.75
C THR A 121 32.99 -11.83 7.32
N ASP A 122 33.00 -12.91 6.58
CA ASP A 122 31.90 -13.44 5.88
C ASP A 122 32.12 -14.86 5.41
N GLY A 123 31.01 -15.58 5.28
CA GLY A 123 31.00 -17.02 5.11
C GLY A 123 29.74 -17.64 5.66
N PRO A 126 27.44 -18.67 9.20
CA PRO A 126 27.96 -18.94 10.54
C PRO A 126 27.37 -20.21 11.16
N PRO A 127 28.05 -20.79 12.16
CA PRO A 127 27.47 -22.03 12.64
C PRO A 127 26.78 -21.85 14.01
N VAL A 128 25.60 -22.47 14.13
CA VAL A 128 24.85 -22.51 15.37
C VAL A 128 25.26 -23.73 16.17
N GLU A 129 25.39 -23.55 17.49
CA GLU A 129 25.55 -24.66 18.41
C GLU A 129 24.27 -24.63 19.23
N TYR A 130 23.52 -25.72 19.15
CA TYR A 130 22.22 -25.82 19.76
C TYR A 130 22.31 -26.56 21.09
N HIS A 131 21.61 -26.06 22.11
CA HIS A 131 21.50 -26.78 23.38
C HIS A 131 20.05 -26.95 23.74
N ARG A 132 19.41 -27.92 23.13
CA ARG A 132 17.98 -27.99 23.27
C ARG A 132 17.47 -29.36 23.65
N LYS A 133 18.36 -30.31 23.87
CA LYS A 133 17.92 -31.65 24.24
C LYS A 133 17.24 -31.60 25.58
N GLY A 134 16.15 -32.34 25.69
CA GLY A 134 15.46 -32.55 26.94
C GLY A 134 14.86 -31.30 27.56
N SER A 135 14.62 -30.27 26.74
CA SER A 135 14.09 -28.97 27.16
C SER A 135 12.61 -29.06 27.46
N ALA A 136 12.07 -28.01 28.09
CA ALA A 136 10.67 -27.99 28.50
C ALA A 136 9.79 -28.22 27.28
N ALA A 137 9.96 -27.40 26.25
CA ALA A 137 9.27 -27.58 24.98
C ALA A 137 9.36 -28.98 24.38
N SER A 138 10.48 -29.70 24.54
CA SER A 138 10.51 -31.05 23.95
C SER A 138 9.53 -31.98 24.64
N HIS A 139 9.11 -31.61 25.85
CA HIS A 139 8.15 -32.42 26.59
C HIS A 139 6.69 -32.29 26.15
N GLY A 141 3.15 -32.70 24.19
CA GLY A 141 2.47 -33.81 23.53
C GLY A 141 1.00 -33.47 23.37
N VAL A 142 0.20 -34.39 22.86
CA VAL A 142 -1.24 -34.13 22.66
C VAL A 142 -1.97 -33.55 23.89
N ALA A 143 -1.51 -33.94 25.09
CA ALA A 143 -2.10 -33.49 26.36
C ALA A 143 -1.98 -31.97 26.54
N ASP A 144 -1.05 -31.38 25.81
CA ASP A 144 -0.74 -29.94 25.90
C ASP A 144 -1.73 -29.06 25.12
N ILE A 145 -2.27 -29.61 24.04
CA ILE A 145 -3.20 -28.93 23.15
C ILE A 145 -4.50 -28.55 23.88
N ASP A 146 -4.86 -27.27 23.89
CA ASP A 146 -6.16 -26.82 24.39
C ASP A 146 -7.11 -26.60 23.21
N GLU A 147 -7.99 -27.57 22.99
CA GLU A 147 -8.85 -27.60 21.80
C GLU A 147 -9.72 -26.37 21.58
N ALA A 148 -10.55 -26.00 22.56
CA ALA A 148 -11.36 -24.79 22.39
C ALA A 148 -10.53 -23.58 21.94
N TRP A 149 -9.30 -23.50 22.48
CA TRP A 149 -8.43 -22.33 22.28
C TRP A 149 -7.88 -22.27 20.85
N LEU A 150 -7.49 -23.43 20.35
CA LEU A 150 -6.98 -23.60 19.03
C LEU A 150 -8.04 -23.11 18.02
N LEU A 151 -9.20 -23.77 18.07
CA LEU A 151 -10.34 -23.47 17.22
C LEU A 151 -10.76 -22.00 17.25
N SER A 152 -10.22 -21.21 18.17
CA SER A 152 -10.65 -19.82 18.29
C SER A 152 -9.79 -18.87 17.44
N ALA A 153 -8.90 -19.46 16.66
CA ALA A 153 -8.04 -18.69 15.75
C ALA A 153 -8.45 -19.07 14.34
N ARG A 154 -8.22 -18.20 13.38
CA ARG A 154 -8.67 -18.50 11.99
C ARG A 154 -7.79 -19.56 11.36
N HIS A 155 -6.53 -19.58 11.78
CA HIS A 155 -5.50 -20.25 11.03
C HIS A 155 -4.36 -20.82 11.88
N LEU A 156 -3.97 -22.04 11.55
CA LEU A 156 -2.84 -22.66 12.19
C LEU A 156 -1.64 -22.68 11.25
N HIS A 157 -0.48 -22.20 11.71
CA HIS A 157 0.75 -22.31 10.91
C HIS A 157 1.68 -23.32 11.48
N ALA A 158 2.13 -24.25 10.65
CA ALA A 158 2.94 -25.34 11.18
C ALA A 158 4.24 -25.52 10.38
N THR A 159 5.21 -26.19 10.98
CA THR A 159 6.54 -26.30 10.38
C THR A 159 7.09 -27.74 10.47
N GLY A 160 8.29 -27.95 9.94
CA GLY A 160 8.96 -29.23 10.10
C GLY A 160 9.72 -29.35 11.41
N VAL A 161 9.92 -28.24 12.11
CA VAL A 161 10.72 -28.25 13.35
C VAL A 161 9.92 -28.85 14.50
N PHE A 162 8.85 -28.17 14.94
CA PHE A 162 8.05 -28.70 16.01
C PHE A 162 7.85 -30.24 15.96
N PRO A 163 7.41 -30.77 14.83
CA PRO A 163 7.27 -32.24 14.83
C PRO A 163 8.59 -33.03 15.01
N ALA A 164 9.74 -32.39 14.78
CA ALA A 164 11.06 -33.05 14.82
C ALA A 164 11.73 -33.00 16.16
N ILE A 165 11.01 -32.55 17.18
CA ILE A 165 11.66 -32.10 18.39
C ILE A 165 11.92 -33.23 19.39
N SER A 166 10.88 -34.03 19.61
CA SER A 166 10.94 -35.26 20.41
C SER A 166 9.86 -36.21 19.89
N ALA A 167 9.89 -37.46 20.36
CA ALA A 167 8.83 -38.41 20.00
C ALA A 167 7.40 -38.00 20.46
N THR A 168 7.31 -37.08 21.42
CA THR A 168 6.00 -36.63 21.90
C THR A 168 5.42 -35.43 21.13
N THR A 169 6.25 -34.75 20.34
CA THR A 169 5.77 -33.59 19.59
C THR A 169 5.09 -33.92 18.26
N LEU A 170 5.59 -34.95 17.56
CA LEU A 170 4.97 -35.46 16.34
C LEU A 170 3.48 -35.77 16.49
N PRO A 171 3.12 -36.66 17.43
CA PRO A 171 1.70 -36.85 17.73
C PRO A 171 0.90 -35.52 17.79
N ALA A 172 1.46 -34.52 18.49
CA ALA A 172 0.79 -33.25 18.75
C ALA A 172 0.70 -32.36 17.50
N ALA A 173 1.68 -32.46 16.62
CA ALA A 173 1.66 -31.73 15.37
C ALA A 173 0.52 -32.31 14.53
N ARG A 174 0.66 -33.59 14.17
CA ARG A 174 -0.40 -34.38 13.55
C ARG A 174 -1.80 -34.06 14.08
N LYS A 175 -1.99 -34.11 15.40
CA LYS A 175 -3.31 -33.90 15.98
C LYS A 175 -3.76 -32.44 15.90
N THR A 176 -2.82 -31.54 16.14
CA THR A 176 -3.05 -30.10 15.98
C THR A 176 -3.64 -29.76 14.59
N ASP A 178 -5.02 -32.01 12.15
CA ASP A 178 -6.29 -32.77 12.08
C ASP A 178 -7.46 -31.97 12.63
N LEU A 179 -7.26 -31.43 13.82
CA LEU A 179 -8.31 -30.76 14.56
C LEU A 179 -8.75 -29.54 13.76
N ARG A 181 -8.36 -28.74 10.65
CA ARG A 181 -8.98 -29.04 9.36
C ARG A 181 -10.43 -29.42 9.55
N ALA A 182 -10.68 -30.54 10.23
CA ALA A 182 -12.06 -31.00 10.47
C ALA A 182 -12.99 -29.85 10.87
N ALA A 183 -12.49 -28.88 11.63
CA ALA A 183 -13.31 -27.72 11.95
C ALA A 183 -13.35 -26.69 10.83
N GLY A 184 -12.66 -26.99 9.73
CA GLY A 184 -12.69 -26.14 8.56
C GLY A 184 -11.97 -24.83 8.78
N ARG A 185 -10.93 -24.88 9.61
CA ARG A 185 -10.04 -23.75 9.68
C ARG A 185 -8.89 -24.01 8.74
N SER A 186 -8.11 -22.95 8.58
CA SER A 186 -7.09 -22.86 7.60
C SER A 186 -5.73 -23.30 8.20
N VAL A 187 -5.04 -24.18 7.49
CA VAL A 187 -3.76 -24.68 7.95
C VAL A 187 -2.66 -24.48 6.93
N SER A 188 -1.55 -23.96 7.42
CA SER A 188 -0.38 -23.66 6.65
C SER A 188 0.72 -24.65 7.04
N PHE A 189 1.45 -25.15 6.06
CA PHE A 189 2.59 -25.99 6.38
C PHE A 189 3.83 -25.57 5.66
N ASP A 190 4.88 -25.39 6.42
CA ASP A 190 6.19 -25.10 5.89
C ASP A 190 7.13 -26.28 6.19
N PRO A 191 7.45 -27.10 5.17
CA PRO A 191 8.24 -28.34 5.34
C PRO A 191 9.73 -28.09 5.56
N ASN A 192 10.08 -27.46 6.67
CA ASN A 192 11.49 -27.23 7.02
C ASN A 192 12.21 -28.54 7.24
N LEU A 193 13.47 -28.62 6.81
CA LEU A 193 14.25 -29.83 7.06
C LEU A 193 15.33 -29.55 8.07
N ARG A 194 15.25 -30.21 9.21
CA ARG A 194 16.35 -30.17 10.15
C ARG A 194 16.75 -31.61 10.43
N PRO A 195 17.85 -32.06 9.80
CA PRO A 195 18.22 -33.48 9.86
C PRO A 195 18.71 -33.91 11.26
N THR A 196 19.55 -33.09 11.88
CA THR A 196 20.00 -33.32 13.25
C THR A 196 18.83 -33.70 14.16
N LEU A 197 17.64 -33.20 13.87
CA LEU A 197 16.49 -33.48 14.71
C LEU A 197 15.81 -34.83 14.45
N TRP A 198 16.11 -35.45 13.32
CA TRP A 198 15.43 -36.67 12.90
C TRP A 198 16.39 -37.84 12.94
N ALA A 199 15.85 -39.01 13.28
CA ALA A 199 16.63 -40.24 13.50
C ALA A 199 17.29 -40.81 12.23
N THR A 200 16.45 -41.17 11.25
CA THR A 200 16.93 -41.42 9.88
C THR A 200 16.43 -40.31 8.96
N PRO A 201 17.17 -40.02 7.92
CA PRO A 201 16.77 -39.06 6.92
C PRO A 201 15.52 -39.49 6.25
N GLU A 202 15.38 -40.76 6.05
CA GLU A 202 14.19 -41.30 5.47
C GLU A 202 12.96 -41.04 6.28
N LEU A 203 13.02 -41.14 7.59
CA LEU A 203 11.85 -40.91 8.43
C LEU A 203 11.43 -39.50 8.34
N ARG A 205 11.72 -37.75 5.69
CA ARG A 205 10.91 -37.68 4.46
C ARG A 205 9.51 -38.20 4.63
N ASP A 206 9.37 -39.33 5.31
CA ASP A 206 8.06 -39.93 5.51
C ASP A 206 7.18 -39.05 6.38
N ALA A 207 7.74 -38.54 7.47
CA ALA A 207 6.97 -37.74 8.41
C ALA A 207 6.57 -36.36 7.85
N ILE A 208 7.56 -35.59 7.39
CA ILE A 208 7.27 -34.28 6.82
C ILE A 208 6.20 -34.45 5.73
N ASN A 209 6.40 -35.38 4.80
CA ASN A 209 5.36 -35.66 3.78
C ASN A 209 4.03 -36.19 4.28
N ASP A 210 3.97 -36.73 5.49
CA ASP A 210 2.71 -37.24 6.00
C ASP A 210 1.97 -36.10 6.65
N LEU A 211 2.74 -35.19 7.23
CA LEU A 211 2.19 -33.94 7.72
C LEU A 211 1.57 -33.13 6.55
N ALA A 212 2.16 -33.24 5.37
CA ALA A 212 1.70 -32.51 4.20
C ALA A 212 0.27 -32.89 3.90
N THR A 213 -0.07 -34.14 4.20
CA THR A 213 -1.46 -34.66 4.22
C THR A 213 -2.48 -33.84 5.04
N ARG A 214 -2.06 -32.83 5.79
CA ARG A 214 -2.98 -32.18 6.72
C ARG A 214 -3.04 -30.65 6.56
N ALA A 215 -2.37 -30.15 5.52
CA ALA A 215 -2.34 -28.70 5.31
C ALA A 215 -3.17 -28.30 4.10
N ASP A 216 -3.73 -27.10 4.16
CA ASP A 216 -4.32 -26.46 2.97
C ASP A 216 -3.24 -25.82 2.10
N TRP A 217 -2.27 -25.16 2.73
CA TRP A 217 -1.21 -24.44 1.99
C TRP A 217 0.17 -24.98 2.34
N VAL A 218 0.89 -25.44 1.34
CA VAL A 218 2.21 -25.99 1.56
C VAL A 218 3.25 -25.02 1.01
N LEU A 219 4.27 -24.72 1.79
CA LEU A 219 5.24 -23.67 1.46
C LEU A 219 6.68 -24.13 1.25
N PRO A 220 6.93 -25.04 0.32
CA PRO A 220 8.30 -25.58 0.20
C PRO A 220 9.28 -24.73 -0.58
N GLY A 221 10.54 -24.90 -0.23
CA GLY A 221 11.66 -24.43 -1.04
C GLY A 221 12.01 -25.52 -2.02
N GLU A 223 14.84 -26.75 -3.07
CA GLU A 223 15.84 -27.70 -2.54
C GLU A 223 15.18 -28.77 -1.69
N GLU A 224 14.44 -28.31 -0.68
CA GLU A 224 13.66 -29.20 0.19
C GLU A 224 12.73 -30.05 -0.67
N GLY A 225 12.04 -29.42 -1.60
CA GLY A 225 11.11 -30.12 -2.47
C GLY A 225 11.73 -31.23 -3.28
N ARG A 226 12.95 -31.00 -3.75
CA ARG A 226 13.70 -32.01 -4.50
C ARG A 226 13.99 -33.19 -3.58
N PHE A 227 14.48 -32.92 -2.38
CA PHE A 227 14.67 -33.99 -1.39
C PHE A 227 13.39 -34.74 -1.04
N LEU A 228 12.29 -34.01 -0.87
CA LEU A 228 11.06 -34.58 -0.36
C LEU A 228 10.30 -35.38 -1.39
N THR A 229 10.28 -34.89 -2.61
CA THR A 229 9.35 -35.41 -3.62
C THR A 229 10.06 -36.17 -4.72
N GLY A 230 11.34 -35.89 -4.93
CA GLY A 230 12.11 -36.52 -6.01
C GLY A 230 12.02 -35.77 -7.32
N GLU A 231 11.14 -34.77 -7.38
CA GLU A 231 10.90 -33.98 -8.59
C GLU A 231 11.99 -32.93 -8.71
N THR A 232 12.20 -32.42 -9.92
CA THR A 232 13.27 -31.44 -10.22
C THR A 232 12.77 -30.13 -10.85
N THR A 233 11.48 -30.06 -11.14
CA THR A 233 10.88 -28.83 -11.59
C THR A 233 9.83 -28.43 -10.55
N PRO A 234 9.66 -27.12 -10.29
CA PRO A 234 8.62 -26.62 -9.37
C PRO A 234 7.22 -27.18 -9.67
N GLU A 235 6.85 -27.23 -10.94
CA GLU A 235 5.56 -27.72 -11.38
C GLU A 235 5.35 -29.11 -10.85
N GLY A 236 6.44 -29.84 -10.65
CA GLY A 236 6.39 -31.20 -10.12
C GLY A 236 6.26 -31.21 -8.62
N VAL A 237 7.16 -30.50 -7.95
CA VAL A 237 7.09 -30.37 -6.48
C VAL A 237 5.67 -29.98 -6.08
N ALA A 238 5.16 -28.94 -6.71
CA ALA A 238 3.79 -28.50 -6.51
C ALA A 238 2.75 -29.61 -6.72
N ARG A 239 2.77 -30.29 -7.87
CA ARG A 239 1.72 -31.30 -8.07
C ARG A 239 1.80 -32.51 -7.10
N PHE A 240 2.98 -32.77 -6.56
CA PHE A 240 3.17 -33.75 -5.51
C PHE A 240 2.33 -33.44 -4.27
N TYR A 241 2.28 -32.17 -3.88
CA TYR A 241 1.53 -31.78 -2.69
C TYR A 241 0.09 -31.45 -2.98
N ARG A 242 -0.21 -31.18 -4.24
CA ARG A 242 -1.60 -31.03 -4.66
C ARG A 242 -2.24 -32.39 -4.58
N GLN A 243 -1.50 -33.40 -5.01
CA GLN A 243 -2.05 -34.76 -5.04
C GLN A 243 -2.29 -35.32 -3.66
N LEU A 244 -1.39 -35.00 -2.72
CA LEU A 244 -1.59 -35.32 -1.30
C LEU A 244 -2.68 -34.48 -0.64
N GLY A 245 -3.31 -33.59 -1.41
CA GLY A 245 -4.49 -32.85 -0.96
C GLY A 245 -4.26 -31.45 -0.42
N ALA A 246 -3.43 -30.65 -1.09
CA ALA A 246 -3.28 -29.25 -0.70
C ALA A 246 -4.03 -28.35 -1.64
N LYS A 247 -4.57 -27.27 -1.13
CA LYS A 247 -5.32 -26.32 -1.92
C LYS A 247 -4.40 -25.34 -2.64
N LEU A 248 -3.18 -25.25 -2.13
CA LEU A 248 -2.24 -24.26 -2.59
C LEU A 248 -0.86 -24.79 -2.30
N VAL A 249 0.01 -24.75 -3.30
CA VAL A 249 1.43 -24.86 -3.05
C VAL A 249 2.12 -23.62 -3.60
N VAL A 250 3.00 -23.05 -2.78
CA VAL A 250 3.84 -21.95 -3.19
C VAL A 250 5.24 -22.46 -2.97
N VAL A 251 5.97 -22.66 -4.08
CA VAL A 251 7.34 -23.18 -4.04
C VAL A 251 8.28 -22.00 -4.12
N LYS A 252 9.19 -21.84 -3.16
CA LYS A 252 10.05 -20.65 -3.11
C LYS A 252 11.26 -20.93 -3.96
N LEU A 253 11.69 -19.92 -4.72
CA LEU A 253 12.82 -20.10 -5.67
C LEU A 253 14.09 -19.26 -5.45
N GLY A 254 14.24 -18.60 -4.31
CA GLY A 254 15.42 -17.75 -4.12
C GLY A 254 15.20 -16.38 -4.73
N ALA A 255 16.24 -15.79 -5.34
CA ALA A 255 16.07 -14.49 -6.04
C ALA A 255 15.14 -14.63 -7.24
N GLU A 256 14.98 -15.87 -7.72
CA GLU A 256 14.06 -16.13 -8.80
C GLU A 256 12.59 -15.89 -8.41
N GLY A 257 12.32 -15.70 -7.13
CA GLY A 257 10.93 -15.47 -6.66
C GLY A 257 10.25 -16.78 -6.29
N ALA A 258 9.07 -17.02 -6.82
CA ALA A 258 8.28 -18.18 -6.44
C ALA A 258 7.42 -18.71 -7.56
N TYR A 259 6.98 -19.95 -7.42
CA TYR A 259 5.94 -20.55 -8.26
C TYR A 259 4.77 -20.91 -7.39
N PHE A 260 3.57 -20.59 -7.84
CA PHE A 260 2.41 -20.98 -7.09
C PHE A 260 1.49 -21.86 -7.90
N ASP A 261 0.85 -22.81 -7.21
CA ASP A 261 -0.03 -23.80 -7.86
C ASP A 261 -1.22 -24.02 -6.95
N GLY A 262 -2.34 -23.42 -7.33
CA GLY A 262 -3.53 -23.46 -6.50
C GLY A 262 -4.75 -23.70 -7.34
N GLU A 263 -5.90 -23.79 -6.67
CA GLU A 263 -7.18 -24.16 -7.26
C GLU A 263 -7.69 -23.17 -8.32
N ALA A 264 -7.50 -21.87 -8.08
CA ALA A 264 -7.70 -20.83 -9.10
C ALA A 264 -6.73 -20.82 -10.32
N GLY A 265 -5.53 -21.42 -10.19
CA GLY A 265 -4.55 -21.47 -11.27
C GLY A 265 -3.11 -21.43 -10.80
N SER A 266 -2.15 -21.43 -11.74
CA SER A 266 -0.69 -21.41 -11.47
C SER A 266 -0.05 -20.12 -11.96
N GLY A 267 1.20 -19.91 -11.59
CA GLY A 267 1.89 -18.70 -11.99
C GLY A 267 3.29 -18.56 -11.44
N ARG A 268 3.97 -17.49 -11.79
CA ARG A 268 5.28 -17.19 -11.21
C ARG A 268 5.23 -15.76 -10.73
N VAL A 269 5.98 -15.49 -9.69
CA VAL A 269 6.18 -14.14 -9.24
C VAL A 269 7.68 -13.82 -9.24
N ALA A 270 8.01 -12.66 -9.81
CA ALA A 270 9.40 -12.24 -10.01
C ALA A 270 10.30 -12.35 -8.77
N GLY A 271 9.93 -11.69 -7.69
CA GLY A 271 10.84 -11.70 -6.56
C GLY A 271 11.92 -10.65 -6.73
N PHE A 272 12.32 -10.06 -5.61
CA PHE A 272 13.07 -8.79 -5.58
C PHE A 272 14.59 -9.03 -5.49
N PRO A 273 15.39 -7.95 -5.57
CA PRO A 273 16.84 -8.15 -5.50
C PRO A 273 17.49 -7.83 -4.15
N VAL A 274 18.65 -8.42 -3.89
CA VAL A 274 19.50 -8.11 -2.74
C VAL A 274 20.78 -7.37 -3.18
N GLY A 282 16.57 -17.60 7.30
CA GLY A 282 15.94 -16.31 7.61
C GLY A 282 14.92 -15.83 6.57
N ALA A 283 15.19 -16.11 5.29
CA ALA A 283 14.33 -15.72 4.17
C ALA A 283 13.08 -16.59 3.97
N GLY A 284 13.14 -17.86 4.41
CA GLY A 284 11.95 -18.70 4.40
C GLY A 284 10.93 -18.14 5.37
N ASP A 285 11.40 -17.77 6.54
CA ASP A 285 10.52 -17.24 7.57
C ASP A 285 9.84 -15.96 7.10
N GLY A 286 10.56 -15.10 6.40
CA GLY A 286 9.95 -13.92 5.88
C GLY A 286 8.92 -14.30 4.86
N PHE A 287 9.33 -15.21 3.99
CA PHE A 287 8.43 -15.62 2.96
C PHE A 287 7.09 -16.00 3.58
N ALA A 288 7.04 -16.94 4.52
CA ALA A 288 5.73 -17.39 5.06
C ALA A 288 4.96 -16.32 5.79
N VAL A 289 5.67 -15.44 6.51
CA VAL A 289 4.97 -14.30 7.13
C VAL A 289 4.29 -13.46 6.04
N GLY A 290 4.98 -13.25 4.94
CA GLY A 290 4.38 -12.55 3.80
C GLY A 290 3.14 -13.21 3.21
N VAL A 291 3.24 -14.52 2.90
CA VAL A 291 2.13 -15.10 2.15
C VAL A 291 0.98 -15.43 3.03
N ILE A 292 1.26 -15.76 4.30
CA ILE A 292 0.21 -16.06 5.28
C ILE A 292 -0.59 -14.81 5.63
N SER A 293 0.11 -13.72 5.92
CA SER A 293 -0.60 -12.51 6.28
C SER A 293 -1.46 -11.98 5.12
N ALA A 294 -0.96 -12.00 3.89
CA ALA A 294 -1.76 -11.47 2.78
C ALA A 294 -3.08 -12.25 2.57
N LEU A 295 -3.01 -13.57 2.55
CA LEU A 295 -4.19 -14.42 2.32
C LEU A 295 -5.21 -14.25 3.44
N LEU A 296 -4.72 -14.03 4.65
CA LEU A 296 -5.62 -13.83 5.76
C LEU A 296 -6.16 -12.39 5.75
N ASP A 297 -5.40 -11.50 5.13
CA ASP A 297 -5.76 -10.09 4.92
C ASP A 297 -6.80 -9.97 3.80
N GLY A 298 -7.13 -11.08 3.12
CA GLY A 298 -8.03 -11.04 1.95
C GLY A 298 -7.47 -10.77 0.54
N LEU A 299 -6.16 -10.58 0.38
CA LEU A 299 -5.55 -10.49 -0.94
C LEU A 299 -5.48 -11.84 -1.70
N GLY A 300 -5.41 -11.76 -3.03
CA GLY A 300 -5.35 -12.92 -3.87
C GLY A 300 -4.00 -13.58 -3.75
N VAL A 301 -3.91 -14.81 -4.25
CA VAL A 301 -2.70 -15.57 -4.20
C VAL A 301 -1.51 -14.80 -4.82
N PRO A 302 -1.67 -14.23 -6.02
CA PRO A 302 -0.47 -13.66 -6.67
C PRO A 302 0.12 -12.44 -5.96
N GLU A 303 -0.73 -11.62 -5.35
CA GLU A 303 -0.24 -10.48 -4.56
C GLU A 303 0.33 -10.95 -3.21
N ALA A 304 -0.10 -12.14 -2.75
CA ALA A 304 0.35 -12.69 -1.49
C ALA A 304 1.77 -13.19 -1.63
N VAL A 305 2.01 -13.90 -2.74
CA VAL A 305 3.36 -14.41 -3.00
C VAL A 305 4.36 -13.28 -3.16
N LYS A 306 3.92 -12.14 -3.70
CA LYS A 306 4.88 -11.05 -3.84
C LYS A 306 5.15 -10.42 -2.50
N ARG A 307 4.11 -10.30 -1.67
CA ARG A 307 4.39 -9.87 -0.29
C ARG A 307 5.41 -10.84 0.36
N GLY A 308 5.07 -12.12 0.38
CA GLY A 308 6.00 -13.16 0.81
C GLY A 308 7.38 -12.89 0.27
N ALA A 309 7.44 -12.70 -1.05
CA ALA A 309 8.72 -12.47 -1.71
C ALA A 309 9.40 -11.18 -1.26
N TRP A 310 8.67 -10.06 -1.13
CA TRP A 310 9.30 -8.82 -0.61
C TRP A 310 9.92 -9.04 0.77
N ILE A 311 9.14 -9.58 1.71
CA ILE A 311 9.63 -9.80 3.08
C ILE A 311 10.83 -10.74 3.10
N GLY A 312 10.79 -11.80 2.29
CA GLY A 312 11.91 -12.74 2.19
C GLY A 312 13.22 -12.06 1.81
N ALA A 313 13.18 -11.28 0.75
CA ALA A 313 14.32 -10.50 0.30
C ALA A 313 14.78 -9.43 1.31
N ARG A 314 13.81 -8.82 1.99
CA ARG A 314 14.14 -7.93 3.08
C ARG A 314 14.92 -8.67 4.18
N ALA A 315 14.45 -9.86 4.53
CA ALA A 315 15.07 -10.64 5.60
C ALA A 315 16.48 -11.09 5.26
N VAL A 316 16.76 -11.31 3.97
CA VAL A 316 18.14 -11.66 3.55
C VAL A 316 19.19 -10.57 3.88
N GLN A 317 18.78 -9.29 3.83
CA GLN A 317 19.68 -8.12 4.00
C GLN A 317 20.42 -7.97 5.35
N GLY A 324 14.33 -7.57 11.96
CA GLY A 324 14.12 -7.07 10.60
C GLY A 324 12.92 -7.67 9.89
N LEU A 325 11.95 -8.15 10.66
CA LEU A 325 10.68 -8.47 10.04
C LEU A 325 9.89 -7.18 10.14
N PRO A 326 9.24 -6.75 9.05
CA PRO A 326 8.63 -5.41 8.94
C PRO A 326 7.38 -5.14 9.79
N THR A 327 7.26 -3.89 10.24
CA THR A 327 5.98 -3.35 10.71
C THR A 327 5.05 -3.19 9.50
N ARG A 328 3.75 -3.22 9.75
CA ARG A 328 2.76 -2.81 8.78
C ARG A 328 3.21 -1.56 8.07
N ALA A 329 3.76 -0.63 8.84
CA ALA A 329 4.18 0.65 8.32
C ALA A 329 5.28 0.48 7.27
N GLU A 330 6.39 -0.16 7.63
CA GLU A 330 7.48 -0.41 6.65
C GLU A 330 6.95 -1.14 5.43
N LEU A 331 5.86 -1.87 5.63
CA LEU A 331 5.30 -2.67 4.59
C LEU A 331 4.55 -1.71 3.67
N ASN A 332 3.75 -0.82 4.24
CA ASN A 332 2.97 0.12 3.46
C ASN A 332 3.80 1.04 2.55
N ALA A 333 5.05 1.31 2.91
CA ALA A 333 6.02 1.77 1.92
C ALA A 333 6.33 0.73 0.78
N ALA A 334 5.42 0.63 -0.21
CA ALA A 334 5.68 0.12 -1.61
C ALA A 334 4.53 -0.71 -2.21
N ALA B 26 9.68 10.98 -16.67
CA ALA B 26 9.25 11.49 -17.99
C ALA B 26 8.33 12.69 -17.89
N LEU B 27 7.26 12.62 -17.08
CA LEU B 27 6.36 13.76 -16.90
C LEU B 27 6.27 14.08 -15.44
N ASP B 28 6.29 15.36 -15.13
CA ASP B 28 6.11 15.86 -13.77
C ASP B 28 4.70 15.65 -13.21
N VAL B 29 3.67 15.92 -14.03
CA VAL B 29 2.27 16.04 -13.58
C VAL B 29 1.30 15.57 -14.65
N ILE B 30 0.37 14.71 -14.28
CA ILE B 30 -0.77 14.37 -15.13
C ILE B 30 -2.15 14.84 -14.52
N THR B 31 -3.07 15.35 -15.34
CA THR B 31 -4.46 15.59 -14.86
C THR B 31 -5.49 15.00 -15.79
N PHE B 32 -6.62 14.64 -15.23
CA PHE B 32 -7.75 14.17 -15.97
C PHE B 32 -8.80 15.28 -15.83
N GLY B 33 -9.46 15.68 -16.92
CA GLY B 33 -10.54 16.67 -16.85
C GLY B 33 -11.17 17.07 -18.17
N GLU B 34 -12.30 17.76 -18.08
CA GLU B 34 -12.95 18.27 -19.23
C GLU B 34 -12.63 19.73 -19.51
N ALA B 35 -12.47 19.99 -20.77
CA ALA B 35 -12.27 21.33 -21.23
C ALA B 35 -13.42 21.55 -22.19
N LEU B 38 -15.39 28.15 -24.43
CA LEU B 38 -16.14 29.17 -23.73
C LEU B 38 -16.42 30.30 -24.70
N LEU B 39 -17.71 30.51 -24.94
CA LEU B 39 -18.13 31.61 -25.79
C LEU B 39 -18.55 32.78 -24.89
N VAL B 40 -17.74 33.83 -24.90
CA VAL B 40 -18.00 34.99 -24.05
C VAL B 40 -18.71 36.13 -24.78
N ALA B 41 -19.90 36.46 -24.30
CA ALA B 41 -20.79 37.45 -24.91
C ALA B 41 -20.11 38.79 -25.14
N ASP B 42 -20.29 39.35 -26.33
CA ASP B 42 -19.66 40.62 -26.73
C ASP B 42 -20.04 41.81 -25.83
N ARG B 43 -21.28 41.78 -25.31
CA ARG B 43 -21.91 42.91 -24.62
C ARG B 43 -22.94 42.42 -23.59
N PRO B 44 -23.20 43.22 -22.51
CA PRO B 44 -23.96 42.75 -21.34
C PRO B 44 -25.46 42.50 -21.57
N GLY B 45 -26.21 42.27 -20.49
CA GLY B 45 -27.62 41.93 -20.63
C GLY B 45 -27.73 40.42 -20.73
N PRO B 46 -28.89 39.92 -21.13
CA PRO B 46 -28.95 38.47 -21.11
C PRO B 46 -28.36 37.85 -22.38
N LEU B 47 -28.01 36.57 -22.29
CA LEU B 47 -27.33 35.85 -23.35
C LEU B 47 -28.07 35.85 -24.70
N GLU B 48 -29.38 35.62 -24.68
CA GLU B 48 -30.16 35.62 -25.93
C GLU B 48 -30.07 36.95 -26.72
N HIS B 49 -29.72 38.03 -26.02
CA HIS B 49 -29.60 39.34 -26.66
C HIS B 49 -28.21 39.65 -27.23
N ALA B 50 -27.14 39.06 -26.69
CA ALA B 50 -25.80 39.15 -27.28
C ALA B 50 -25.81 38.92 -28.79
N GLU B 51 -25.06 39.72 -29.53
CA GLU B 51 -25.03 39.56 -30.98
C GLU B 51 -23.73 38.87 -31.39
N ALA B 52 -22.72 38.96 -30.53
CA ALA B 52 -21.40 38.41 -30.85
C ALA B 52 -20.79 37.68 -29.67
N PHE B 53 -19.86 36.77 -29.96
CA PHE B 53 -19.16 36.02 -28.89
C PHE B 53 -17.67 35.93 -29.17
N HIS B 54 -16.86 35.99 -28.11
CA HIS B 54 -15.41 35.80 -28.24
C HIS B 54 -15.01 34.41 -27.78
N LYS B 55 -14.25 33.71 -28.61
CA LYS B 55 -13.74 32.38 -28.27
C LYS B 55 -12.70 32.45 -27.17
N ARG B 56 -12.89 31.72 -26.08
CA ARG B 56 -11.80 31.51 -25.11
C ARG B 56 -11.84 30.02 -24.69
N THR B 57 -11.10 29.64 -23.67
CA THR B 57 -10.97 28.24 -23.27
C THR B 57 -11.39 28.08 -21.82
N ALA B 58 -12.00 26.96 -21.45
CA ALA B 58 -12.39 26.73 -20.04
C ALA B 58 -12.24 25.28 -19.55
N GLY B 59 -12.20 25.11 -18.21
CA GLY B 59 -11.98 23.84 -17.56
C GLY B 59 -11.06 23.96 -16.33
N ALA B 60 -11.53 23.43 -15.20
CA ALA B 60 -10.79 23.39 -13.92
C ALA B 60 -9.41 22.77 -14.00
N GLU B 61 -9.34 21.47 -14.27
CA GLU B 61 -8.03 20.82 -14.41
C GLU B 61 -7.10 21.52 -15.39
N THR B 62 -7.57 21.80 -16.60
CA THR B 62 -6.77 22.45 -17.62
C THR B 62 -6.21 23.83 -17.23
N ASN B 63 -6.94 24.61 -16.43
CA ASN B 63 -6.37 25.85 -15.98
C ASN B 63 -5.17 25.60 -15.09
N VAL B 64 -5.18 24.50 -14.34
CA VAL B 64 -4.00 24.16 -13.53
C VAL B 64 -2.87 23.62 -14.43
N ALA B 65 -3.24 22.77 -15.40
CA ALA B 65 -2.33 22.37 -16.47
C ALA B 65 -1.55 23.59 -17.01
N ILE B 66 -2.25 24.57 -17.56
CA ILE B 66 -1.62 25.76 -18.13
C ILE B 66 -0.61 26.46 -17.21
N GLY B 67 -0.94 26.63 -15.93
CA GLY B 67 -0.08 27.33 -14.97
C GLY B 67 1.25 26.61 -14.79
N LEU B 68 1.16 25.31 -14.48
CA LEU B 68 2.30 24.39 -14.45
C LEU B 68 3.12 24.38 -15.71
N ALA B 69 2.51 24.11 -16.85
CA ALA B 69 3.27 24.13 -18.12
C ALA B 69 4.05 25.43 -18.24
N ARG B 70 3.36 26.57 -18.25
CA ARG B 70 4.03 27.88 -18.28
C ARG B 70 5.23 27.97 -17.37
N LEU B 71 5.10 27.45 -16.16
CA LEU B 71 6.20 27.50 -15.22
C LEU B 71 7.33 26.53 -15.58
N GLY B 72 7.23 25.83 -16.70
CA GLY B 72 8.33 25.01 -17.15
C GLY B 72 8.25 23.52 -16.83
N LEU B 73 7.14 23.05 -16.27
CA LEU B 73 6.97 21.63 -15.90
C LEU B 73 6.39 20.83 -17.06
N LYS B 74 6.58 19.51 -17.05
CA LYS B 74 5.99 18.70 -18.10
C LYS B 74 4.67 18.21 -17.60
N VAL B 75 3.62 18.55 -18.31
CA VAL B 75 2.26 18.20 -17.93
C VAL B 75 1.58 17.35 -19.03
N GLY B 76 1.01 16.20 -18.66
CA GLY B 76 0.09 15.48 -19.54
C GLY B 76 -1.36 15.67 -19.10
N TRP B 77 -2.27 15.83 -20.06
CA TRP B 77 -3.69 16.00 -19.78
C TRP B 77 -4.39 14.87 -20.48
N ALA B 78 -5.22 14.14 -19.74
CA ALA B 78 -6.03 13.10 -20.35
C ALA B 78 -7.54 13.46 -20.31
N SER B 79 -8.25 13.06 -21.36
CA SER B 79 -9.59 13.56 -21.66
C SER B 79 -10.18 12.86 -22.90
N ARG B 80 -11.33 13.35 -23.36
CA ARG B 80 -11.89 12.99 -24.65
C ARG B 80 -12.44 14.26 -25.25
N LEU B 81 -12.53 14.29 -26.58
CA LEU B 81 -13.11 15.44 -27.28
C LEU B 81 -13.80 14.93 -28.50
N GLY B 82 -14.70 15.74 -29.04
CA GLY B 82 -15.25 15.44 -30.36
C GLY B 82 -14.14 15.67 -31.36
N THR B 83 -14.33 15.19 -32.59
CA THR B 83 -13.39 15.46 -33.69
C THR B 83 -13.90 16.68 -34.44
N ASP B 84 -14.89 17.34 -33.87
CA ASP B 84 -15.39 18.58 -34.42
C ASP B 84 -14.39 19.70 -34.23
N SER B 85 -14.77 20.88 -34.67
CA SER B 85 -14.01 22.08 -34.56
C SER B 85 -13.71 22.59 -33.20
N GLY B 87 -13.42 20.98 -30.48
CA GLY B 87 -12.52 20.06 -29.96
C GLY B 87 -11.16 20.21 -30.53
N ARG B 88 -11.12 20.50 -31.80
CA ARG B 88 -9.88 20.78 -32.46
C ARG B 88 -9.23 22.01 -31.94
N TYR B 89 -10.01 23.00 -31.66
CA TYR B 89 -9.49 24.21 -31.05
C TYR B 89 -8.92 23.98 -29.63
N LEU B 90 -9.65 23.21 -28.80
CA LEU B 90 -9.18 22.94 -27.44
C LEU B 90 -7.84 22.27 -27.52
N LEU B 91 -7.80 21.15 -28.24
CA LEU B 91 -6.58 20.39 -28.45
C LEU B 91 -5.42 21.29 -28.82
N ALA B 92 -5.65 22.15 -29.82
CA ALA B 92 -4.64 23.06 -30.27
C ALA B 92 -4.22 24.01 -29.18
N ALA B 93 -5.17 24.72 -28.58
CA ALA B 93 -4.84 25.77 -27.58
C ALA B 93 -4.12 25.23 -26.33
N ALA B 95 -2.04 22.47 -26.73
CA ALA B 95 -0.73 22.17 -27.26
C ALA B 95 0.18 23.43 -27.31
N ALA B 96 -0.42 24.62 -27.34
CA ALA B 96 0.32 25.86 -27.54
C ALA B 96 0.70 26.46 -26.21
N GLU B 97 0.29 25.78 -25.15
CA GLU B 97 0.70 26.17 -23.81
C GLU B 97 1.79 25.23 -23.35
N GLY B 98 1.96 24.14 -24.12
CA GLY B 98 3.03 23.18 -23.92
C GLY B 98 2.61 21.78 -23.52
N ILE B 99 1.30 21.51 -23.42
CA ILE B 99 0.85 20.32 -22.73
C ILE B 99 0.84 19.14 -23.65
N ASP B 100 1.22 18.00 -23.10
CA ASP B 100 1.23 16.73 -23.77
C ASP B 100 -0.22 16.25 -23.88
N CYS B 101 -0.75 16.19 -25.10
CA CYS B 101 -2.16 15.89 -25.32
C CYS B 101 -2.40 14.52 -25.96
N SER B 102 -1.37 13.67 -25.93
CA SER B 102 -1.44 12.33 -26.49
C SER B 102 -2.51 11.43 -25.86
N HIS B 103 -2.90 11.69 -24.62
CA HIS B 103 -3.96 10.85 -24.05
C HIS B 103 -5.32 11.58 -23.96
N VAL B 104 -5.50 12.51 -24.89
CA VAL B 104 -6.80 13.08 -25.19
C VAL B 104 -7.30 12.32 -26.42
N VAL B 105 -8.20 11.40 -26.21
CA VAL B 105 -8.79 10.64 -27.31
C VAL B 105 -9.77 11.54 -28.09
N CYS B 106 -9.57 11.63 -29.41
CA CYS B 106 -10.57 12.31 -30.24
C CYS B 106 -11.52 11.26 -30.83
N ASP B 107 -12.79 11.33 -30.45
CA ASP B 107 -13.77 10.33 -30.88
C ASP B 107 -14.85 10.94 -31.82
N ALA B 108 -14.91 10.43 -33.05
CA ALA B 108 -15.89 10.85 -34.08
C ALA B 108 -17.33 10.64 -33.64
N THR B 109 -17.55 9.62 -32.82
CA THR B 109 -18.88 9.25 -32.42
C THR B 109 -19.40 10.18 -31.34
N GLN B 110 -18.51 10.98 -30.74
CA GLN B 110 -18.86 11.77 -29.54
C GLN B 110 -18.77 13.30 -29.75
N LYS B 111 -19.30 14.07 -28.78
CA LYS B 111 -19.22 15.54 -28.85
C LYS B 111 -18.44 16.25 -27.76
N THR B 112 -17.98 17.45 -28.11
CA THR B 112 -17.27 18.37 -27.24
C THR B 112 -18.29 19.30 -26.57
N GLY B 113 -18.16 19.49 -25.27
CA GLY B 113 -19.00 20.48 -24.59
C GLY B 113 -18.46 21.92 -24.71
N PHE B 114 -19.33 22.88 -24.48
CA PHE B 114 -18.99 24.29 -24.57
C PHE B 114 -19.82 25.06 -23.54
N GLN B 115 -19.56 26.35 -23.41
CA GLN B 115 -20.27 27.15 -22.44
C GLN B 115 -20.37 28.62 -22.82
N PHE B 116 -21.39 29.29 -22.31
CA PHE B 116 -21.64 30.71 -22.59
C PHE B 116 -21.45 31.48 -21.31
N LYS B 117 -20.77 32.62 -21.40
CA LYS B 117 -20.65 33.53 -20.26
C LYS B 117 -21.11 34.90 -20.70
N GLY B 118 -21.96 35.52 -19.89
CA GLY B 118 -22.37 36.92 -20.03
C GLY B 118 -21.33 37.96 -19.65
N LYS B 119 -21.66 39.24 -19.86
CA LYS B 119 -20.75 40.35 -19.50
C LYS B 119 -21.10 40.98 -18.15
N VAL B 120 -20.08 41.20 -17.32
CA VAL B 120 -20.29 41.83 -16.02
C VAL B 120 -19.73 43.25 -15.96
N THR B 121 -20.60 44.23 -15.74
CA THR B 121 -20.16 45.62 -15.53
C THR B 121 -19.94 45.91 -14.03
N ASP B 122 -20.37 44.97 -13.18
CA ASP B 122 -20.46 45.17 -11.72
C ASP B 122 -20.09 43.91 -10.94
N GLY B 123 -18.81 43.73 -10.64
CA GLY B 123 -18.28 42.49 -10.02
C GLY B 123 -19.27 41.58 -9.29
N PRO B 126 -21.20 36.78 -12.81
CA PRO B 126 -21.18 36.58 -14.27
C PRO B 126 -21.70 35.18 -14.63
N PRO B 127 -23.01 35.05 -14.91
CA PRO B 127 -23.61 33.71 -14.99
C PRO B 127 -23.18 32.89 -16.26
N VAL B 128 -22.91 31.60 -16.05
CA VAL B 128 -22.36 30.73 -17.07
C VAL B 128 -23.41 29.72 -17.49
N GLU B 129 -23.69 29.64 -18.76
CA GLU B 129 -24.58 28.59 -19.23
C GLU B 129 -23.75 27.41 -19.79
N TYR B 130 -23.93 26.21 -19.24
CA TYR B 130 -23.14 25.06 -19.61
C TYR B 130 -23.83 24.25 -20.68
N HIS B 131 -23.08 23.74 -21.64
CA HIS B 131 -23.65 22.81 -22.60
C HIS B 131 -22.70 21.63 -22.69
N ARG B 132 -22.75 20.80 -21.66
CA ARG B 132 -21.78 19.72 -21.52
C ARG B 132 -22.43 18.41 -21.13
N LYS B 133 -23.75 18.34 -21.16
CA LYS B 133 -24.43 17.09 -20.88
C LYS B 133 -24.07 16.06 -21.95
N GLY B 134 -23.52 14.92 -21.52
CA GLY B 134 -23.26 13.79 -22.43
C GLY B 134 -22.10 14.00 -23.39
N SER B 135 -21.16 14.86 -23.03
CA SER B 135 -20.01 15.14 -23.87
C SER B 135 -19.04 13.96 -23.85
N ALA B 136 -18.08 14.05 -24.77
CA ALA B 136 -16.99 13.09 -24.85
C ALA B 136 -16.39 12.85 -23.46
N ALA B 137 -15.95 13.93 -22.81
CA ALA B 137 -15.28 13.84 -21.52
C ALA B 137 -16.12 13.12 -20.48
N SER B 138 -17.43 13.39 -20.48
CA SER B 138 -18.31 12.77 -19.49
C SER B 138 -18.46 11.25 -19.72
N HIS B 139 -17.99 10.75 -20.86
CA HIS B 139 -18.06 9.32 -21.15
C HIS B 139 -16.85 8.55 -20.66
N GLY B 141 -14.23 6.67 -18.25
CA GLY B 141 -14.37 5.84 -17.04
C GLY B 141 -13.07 5.12 -16.75
N VAL B 142 -13.14 4.04 -15.95
CA VAL B 142 -11.95 3.36 -15.44
C VAL B 142 -11.16 2.70 -16.55
N ALA B 143 -11.81 2.53 -17.67
CA ALA B 143 -11.21 1.89 -18.85
C ALA B 143 -10.37 2.86 -19.68
N ASP B 144 -10.51 4.16 -19.41
CA ASP B 144 -9.86 5.21 -20.19
C ASP B 144 -8.49 5.50 -19.68
N ILE B 145 -8.16 4.97 -18.50
CA ILE B 145 -6.88 5.18 -17.88
C ILE B 145 -5.86 4.22 -18.48
N ASP B 146 -4.80 4.75 -19.09
CA ASP B 146 -3.66 3.94 -19.49
C ASP B 146 -2.71 3.90 -18.31
N GLU B 147 -2.69 2.78 -17.59
CA GLU B 147 -1.88 2.63 -16.36
C GLU B 147 -0.41 2.90 -16.59
N ALA B 148 0.18 2.23 -17.59
CA ALA B 148 1.60 2.38 -17.85
C ALA B 148 1.94 3.87 -17.91
N TRP B 149 1.17 4.62 -18.69
CA TRP B 149 1.44 6.05 -18.83
C TRP B 149 1.18 6.89 -17.55
N LEU B 150 0.13 6.53 -16.80
CA LEU B 150 -0.18 7.25 -15.59
C LEU B 150 1.00 7.21 -14.60
N LEU B 151 1.53 6.00 -14.41
CA LEU B 151 2.67 5.77 -13.50
C LEU B 151 3.97 6.39 -13.96
N SER B 152 4.06 6.71 -15.23
CA SER B 152 5.21 7.35 -15.81
C SER B 152 5.36 8.81 -15.30
N ALA B 153 4.35 9.33 -14.62
CA ALA B 153 4.47 10.72 -14.19
C ALA B 153 4.89 10.80 -12.75
N ARG B 154 5.34 11.97 -12.31
CA ARG B 154 5.79 12.07 -10.92
C ARG B 154 4.60 12.25 -10.02
N HIS B 155 3.58 12.93 -10.54
CA HIS B 155 2.55 13.49 -9.70
C HIS B 155 1.20 13.53 -10.36
N LEU B 156 0.15 13.23 -9.63
CA LEU B 156 -1.20 13.44 -10.18
C LEU B 156 -1.89 14.60 -9.46
N HIS B 157 -2.43 15.55 -10.24
CA HIS B 157 -3.35 16.55 -9.67
C HIS B 157 -4.77 16.16 -9.89
N ALA B 158 -5.54 16.16 -8.83
CA ALA B 158 -6.95 15.79 -8.89
C ALA B 158 -7.81 16.91 -8.36
N THR B 159 -9.02 16.94 -8.86
CA THR B 159 -9.92 18.05 -8.56
C THR B 159 -11.27 17.48 -8.14
N GLY B 160 -12.19 18.32 -7.70
CA GLY B 160 -13.52 17.84 -7.41
C GLY B 160 -14.43 18.02 -8.60
N VAL B 161 -13.91 18.48 -9.75
CA VAL B 161 -14.73 18.68 -10.91
C VAL B 161 -14.81 17.42 -11.75
N PHE B 162 -13.70 16.99 -12.32
CA PHE B 162 -13.67 15.72 -13.01
C PHE B 162 -14.56 14.66 -12.34
N PRO B 163 -14.34 14.39 -11.06
CA PRO B 163 -15.22 13.32 -10.55
C PRO B 163 -16.75 13.62 -10.58
N ALA B 164 -17.11 14.92 -10.68
CA ALA B 164 -18.53 15.34 -10.57
C ALA B 164 -19.28 15.24 -11.89
N ILE B 165 -18.52 15.15 -12.97
CA ILE B 165 -19.06 15.20 -14.35
C ILE B 165 -20.09 14.11 -14.70
N SER B 166 -19.86 12.87 -14.27
CA SER B 166 -20.83 11.86 -14.57
C SER B 166 -20.71 10.67 -13.62
N ALA B 167 -21.58 9.69 -13.84
CA ALA B 167 -21.55 8.43 -13.09
C ALA B 167 -20.30 7.61 -13.45
N THR B 168 -19.74 7.84 -14.63
CA THR B 168 -18.55 7.10 -15.03
C THR B 168 -17.29 7.77 -14.48
N THR B 169 -17.29 9.11 -14.44
CA THR B 169 -16.03 9.82 -14.02
C THR B 169 -15.62 9.56 -12.59
N LEU B 170 -16.60 9.58 -11.67
CA LEU B 170 -16.25 9.34 -10.27
C LEU B 170 -15.38 8.08 -10.09
N PRO B 171 -15.88 6.88 -10.51
CA PRO B 171 -15.04 5.70 -10.38
C PRO B 171 -13.67 5.88 -10.98
N ALA B 172 -13.57 6.61 -12.09
CA ALA B 172 -12.30 6.80 -12.76
C ALA B 172 -11.37 7.65 -11.94
N ALA B 173 -11.89 8.70 -11.32
CA ALA B 173 -11.07 9.47 -10.38
C ALA B 173 -10.61 8.60 -9.22
N ARG B 174 -11.50 7.85 -8.57
CA ARG B 174 -11.03 7.01 -7.49
C ARG B 174 -9.88 6.15 -8.00
N LYS B 175 -9.99 5.56 -9.18
CA LYS B 175 -9.02 4.56 -9.67
C LYS B 175 -7.68 5.16 -9.88
N THR B 176 -7.69 6.32 -10.51
CA THR B 176 -6.53 7.11 -10.87
C THR B 176 -5.68 7.45 -9.63
N ASP B 178 -5.86 5.95 -6.73
CA ASP B 178 -5.51 4.70 -6.03
C ASP B 178 -4.23 4.12 -6.62
N LEU B 179 -4.21 4.16 -7.94
CA LEU B 179 -3.13 3.68 -8.76
C LEU B 179 -1.83 4.40 -8.45
N ARG B 181 -1.08 6.36 -5.94
CA ARG B 181 -0.68 6.23 -4.55
C ARG B 181 0.01 4.90 -4.26
N ALA B 182 -0.45 3.84 -4.93
CA ALA B 182 0.06 2.50 -4.69
C ALA B 182 1.39 2.26 -5.36
N ALA B 183 1.86 3.24 -6.12
CA ALA B 183 3.11 3.13 -6.83
C ALA B 183 4.09 4.13 -6.23
N GLY B 184 3.64 4.84 -5.20
CA GLY B 184 4.49 5.84 -4.53
C GLY B 184 4.72 7.13 -5.30
N ARG B 185 3.82 7.42 -6.24
CA ARG B 185 3.64 8.75 -6.82
C ARG B 185 2.83 9.71 -5.94
N SER B 186 3.28 10.95 -5.93
CA SER B 186 2.62 12.13 -5.34
C SER B 186 1.18 12.36 -5.88
N VAL B 187 0.22 12.51 -4.95
CA VAL B 187 -1.21 12.78 -5.30
C VAL B 187 -1.78 14.03 -4.65
N SER B 188 -2.16 14.96 -5.51
CA SER B 188 -2.67 16.29 -5.19
C SER B 188 -4.20 16.31 -5.24
N PHE B 189 -4.88 16.93 -4.26
CA PHE B 189 -6.32 17.07 -4.36
C PHE B 189 -6.83 18.44 -3.92
N ASP B 190 -7.60 19.05 -4.82
CA ASP B 190 -8.24 20.32 -4.62
C ASP B 190 -9.77 20.11 -4.57
N PRO B 191 -10.35 20.14 -3.37
CA PRO B 191 -11.77 19.94 -3.18
C PRO B 191 -12.68 21.07 -3.68
N ASN B 192 -12.58 21.43 -4.96
CA ASN B 192 -13.58 22.25 -5.65
C ASN B 192 -15.00 21.74 -5.42
N LEU B 193 -15.90 22.63 -5.04
CA LEU B 193 -17.31 22.27 -5.04
C LEU B 193 -18.01 22.79 -6.31
N ARG B 194 -18.60 21.87 -7.07
CA ARG B 194 -19.53 22.25 -8.12
C ARG B 194 -20.91 21.64 -7.83
N PRO B 195 -21.74 22.33 -7.05
CA PRO B 195 -23.09 21.75 -6.71
C PRO B 195 -24.03 21.43 -7.89
N THR B 196 -23.92 22.15 -9.00
CA THR B 196 -24.70 21.81 -10.19
C THR B 196 -24.39 20.44 -10.81
N LEU B 197 -23.24 19.86 -10.46
CA LEU B 197 -22.81 18.62 -11.08
C LEU B 197 -23.16 17.43 -10.24
N TRP B 198 -23.57 17.69 -9.00
CA TRP B 198 -23.84 16.61 -8.04
C TRP B 198 -25.33 16.53 -7.75
N ALA B 199 -25.84 15.30 -7.62
CA ALA B 199 -27.26 15.06 -7.32
C ALA B 199 -27.73 15.77 -6.05
N THR B 200 -27.00 15.57 -4.95
CA THR B 200 -27.38 16.14 -3.66
C THR B 200 -26.14 16.64 -2.90
N PRO B 201 -26.29 17.77 -2.17
CA PRO B 201 -25.21 18.21 -1.27
C PRO B 201 -24.60 17.10 -0.43
N GLU B 202 -25.39 16.10 -0.02
CA GLU B 202 -24.83 14.99 0.76
C GLU B 202 -23.97 14.08 -0.10
N LEU B 203 -24.30 14.01 -1.39
CA LEU B 203 -23.54 13.20 -2.32
C LEU B 203 -22.19 13.83 -2.67
N ARG B 205 -20.46 15.75 -0.63
CA ARG B 205 -19.67 15.55 0.56
C ARG B 205 -19.17 14.11 0.75
N ASP B 206 -20.05 13.13 0.60
CA ASP B 206 -19.58 11.77 0.70
C ASP B 206 -18.53 11.52 -0.36
N ALA B 207 -18.73 12.05 -1.56
CA ALA B 207 -17.82 11.72 -2.62
C ALA B 207 -16.46 12.44 -2.50
N ILE B 208 -16.48 13.77 -2.26
CA ILE B 208 -15.31 14.63 -2.10
C ILE B 208 -14.43 14.18 -0.93
N ASN B 209 -15.06 13.88 0.21
CA ASN B 209 -14.30 13.40 1.37
C ASN B 209 -13.73 12.01 1.12
N ASP B 210 -14.49 11.13 0.48
CA ASP B 210 -13.97 9.80 0.20
C ASP B 210 -12.77 9.98 -0.75
N LEU B 211 -12.88 10.89 -1.72
CA LEU B 211 -11.77 11.15 -2.62
C LEU B 211 -10.50 11.58 -1.88
N ALA B 212 -10.69 12.34 -0.79
CA ALA B 212 -9.55 12.91 -0.05
C ALA B 212 -8.85 11.78 0.64
N THR B 213 -9.51 10.64 0.71
CA THR B 213 -8.95 9.42 1.29
C THR B 213 -7.76 8.89 0.49
N ARG B 214 -7.53 9.48 -0.67
CA ARG B 214 -6.57 8.94 -1.59
C ARG B 214 -5.54 9.96 -1.98
N ALA B 215 -5.52 11.09 -1.28
CA ALA B 215 -4.59 12.19 -1.57
C ALA B 215 -3.53 12.43 -0.51
N ASP B 216 -2.31 12.65 -0.98
CA ASP B 216 -1.21 13.10 -0.13
C ASP B 216 -1.34 14.55 0.37
N TRP B 217 -1.82 15.43 -0.52
CA TRP B 217 -1.85 16.87 -0.30
C TRP B 217 -3.24 17.35 -0.58
N VAL B 218 -3.89 17.99 0.38
CA VAL B 218 -5.29 18.38 0.19
C VAL B 218 -5.38 19.87 0.41
N LEU B 219 -6.04 20.54 -0.54
CA LEU B 219 -5.93 21.97 -0.71
C LEU B 219 -7.29 22.64 -0.57
N PRO B 220 -7.91 22.62 0.63
CA PRO B 220 -9.25 23.21 0.73
C PRO B 220 -9.28 24.73 0.98
N GLY B 221 -10.28 25.38 0.38
CA GLY B 221 -10.68 26.71 0.76
C GLY B 221 -11.29 26.55 2.13
N GLU B 223 -14.00 28.23 3.17
CA GLU B 223 -15.46 28.13 3.00
C GLU B 223 -15.90 26.68 2.71
N GLU B 224 -15.22 26.01 1.78
CA GLU B 224 -15.59 24.63 1.42
C GLU B 224 -15.34 23.66 2.60
N GLY B 225 -14.22 23.88 3.31
CA GLY B 225 -13.79 23.06 4.43
C GLY B 225 -14.84 23.02 5.53
N ARG B 226 -15.40 24.19 5.83
CA ARG B 226 -16.52 24.26 6.78
C ARG B 226 -17.66 23.32 6.31
N PHE B 227 -18.07 23.46 5.05
CA PHE B 227 -19.10 22.63 4.46
C PHE B 227 -18.78 21.15 4.53
N LEU B 228 -17.55 20.78 4.21
CA LEU B 228 -17.21 19.37 4.02
C LEU B 228 -17.00 18.62 5.31
N THR B 229 -16.49 19.33 6.30
CA THR B 229 -15.98 18.74 7.56
C THR B 229 -16.78 19.16 8.79
N GLY B 230 -17.33 20.38 8.72
CA GLY B 230 -18.05 20.94 9.83
C GLY B 230 -17.21 21.81 10.75
N GLU B 231 -15.89 21.66 10.67
CA GLU B 231 -14.97 22.42 11.50
C GLU B 231 -15.04 23.90 11.16
N THR B 232 -14.92 24.72 12.19
CA THR B 232 -15.17 26.12 12.02
C THR B 232 -13.85 26.90 11.94
N THR B 233 -12.74 26.19 12.12
CA THR B 233 -11.37 26.74 12.05
C THR B 233 -10.41 25.97 11.12
N PRO B 234 -9.43 26.63 10.53
CA PRO B 234 -8.51 26.03 9.58
C PRO B 234 -7.70 24.90 10.12
N GLU B 235 -7.31 25.01 11.35
CA GLU B 235 -6.63 23.97 12.03
C GLU B 235 -7.47 22.76 12.17
N GLY B 236 -8.76 22.95 12.40
CA GLY B 236 -9.74 21.89 12.39
C GLY B 236 -10.06 21.22 11.08
N VAL B 237 -10.21 22.02 10.06
CA VAL B 237 -10.23 21.52 8.68
C VAL B 237 -9.02 20.64 8.38
N ALA B 238 -7.85 21.12 8.72
CA ALA B 238 -6.64 20.37 8.46
C ALA B 238 -6.54 19.08 9.27
N ARG B 239 -6.97 19.05 10.53
CA ARG B 239 -6.88 17.77 11.27
C ARG B 239 -7.75 16.66 10.63
N PHE B 240 -8.96 17.02 10.20
CA PHE B 240 -9.87 16.15 9.43
C PHE B 240 -9.18 15.51 8.20
N TYR B 241 -8.47 16.30 7.40
CA TYR B 241 -7.82 15.69 6.26
C TYR B 241 -6.58 14.89 6.66
N ARG B 242 -5.92 15.33 7.70
CA ARG B 242 -4.82 14.51 8.21
C ARG B 242 -5.30 13.12 8.70
N GLN B 243 -6.43 13.05 9.39
CA GLN B 243 -6.96 11.76 9.88
C GLN B 243 -7.42 10.85 8.73
N LEU B 244 -8.03 11.44 7.68
CA LEU B 244 -8.34 10.67 6.47
C LEU B 244 -7.09 10.21 5.76
N GLY B 245 -5.98 10.88 6.01
CA GLY B 245 -4.68 10.34 5.62
C GLY B 245 -3.77 11.21 4.78
N ALA B 246 -3.97 12.52 4.80
CA ALA B 246 -3.12 13.39 4.02
C ALA B 246 -1.82 13.63 4.74
N LYS B 247 -0.75 13.81 3.99
CA LYS B 247 0.56 14.07 4.53
C LYS B 247 0.73 15.60 4.66
N LEU B 248 -0.08 16.34 3.90
CA LEU B 248 -0.08 17.79 3.94
C LEU B 248 -1.51 18.30 3.77
N VAL B 249 -1.84 19.41 4.40
CA VAL B 249 -3.11 20.09 4.20
C VAL B 249 -2.93 21.63 4.25
N VAL B 250 -3.24 22.29 3.14
CA VAL B 250 -3.04 23.72 3.05
C VAL B 250 -4.40 24.38 2.88
N VAL B 251 -4.85 25.13 3.88
CA VAL B 251 -6.17 25.75 3.87
C VAL B 251 -6.11 27.19 3.38
N LYS B 252 -6.71 27.47 2.23
CA LYS B 252 -6.76 28.82 1.74
C LYS B 252 -7.68 29.62 2.62
N LEU B 253 -7.18 30.79 3.05
CA LEU B 253 -7.88 31.59 4.02
C LEU B 253 -8.26 32.91 3.39
N GLY B 254 -7.74 33.14 2.19
CA GLY B 254 -8.08 34.35 1.46
C GLY B 254 -7.21 35.52 1.87
N ALA B 255 -7.87 36.58 2.33
CA ALA B 255 -7.19 37.85 2.62
C ALA B 255 -6.01 37.64 3.57
N GLU B 256 -6.20 36.76 4.57
CA GLU B 256 -5.17 36.39 5.56
C GLU B 256 -4.18 35.34 5.06
N GLY B 257 -4.13 35.03 3.76
CA GLY B 257 -3.26 33.94 3.28
C GLY B 257 -3.71 32.49 3.51
N ALA B 258 -2.88 31.71 4.21
CA ALA B 258 -3.11 30.27 4.27
C ALA B 258 -2.59 29.63 5.54
N TYR B 259 -3.11 28.46 5.88
CA TYR B 259 -2.69 27.66 7.01
C TYR B 259 -2.29 26.25 6.57
N PHE B 260 -1.15 25.79 7.04
CA PHE B 260 -0.68 24.50 6.59
C PHE B 260 -0.42 23.57 7.75
N ASP B 261 -0.49 22.27 7.45
CA ASP B 261 -0.42 21.22 8.46
C ASP B 261 0.12 19.96 7.77
N GLY B 262 1.39 19.68 7.97
CA GLY B 262 1.99 18.56 7.32
C GLY B 262 2.79 17.75 8.29
N GLU B 263 3.28 16.62 7.80
CA GLU B 263 4.15 15.74 8.57
C GLU B 263 5.29 16.42 9.35
N ALA B 264 5.85 17.49 8.79
CA ALA B 264 6.96 18.23 9.40
C ALA B 264 6.49 19.40 10.31
N GLY B 265 5.19 19.56 10.47
CA GLY B 265 4.66 20.63 11.30
C GLY B 265 3.74 21.64 10.64
N SER B 266 3.34 22.65 11.41
CA SER B 266 2.19 23.50 11.12
C SER B 266 2.58 24.96 11.08
N GLY B 267 1.75 25.79 10.47
CA GLY B 267 1.98 27.22 10.48
C GLY B 267 1.08 28.05 9.59
N ARG B 268 1.48 29.31 9.37
CA ARG B 268 0.67 30.27 8.61
C ARG B 268 1.55 31.09 7.73
N VAL B 269 1.05 31.43 6.55
CA VAL B 269 1.81 32.15 5.55
C VAL B 269 0.99 33.36 5.20
N ALA B 270 1.60 34.52 5.34
CA ALA B 270 0.88 35.80 5.28
C ALA B 270 0.00 35.95 4.06
N GLY B 271 0.52 35.62 2.89
CA GLY B 271 -0.26 35.84 1.68
C GLY B 271 -0.32 37.32 1.39
N PHE B 272 -1.03 37.71 0.34
CA PHE B 272 -0.69 38.97 -0.32
C PHE B 272 -1.75 40.08 -0.34
N PRO B 273 -1.45 41.23 -1.02
CA PRO B 273 -2.44 42.30 -1.13
C PRO B 273 -3.25 42.20 -2.42
N VAL B 274 -4.55 42.47 -2.34
CA VAL B 274 -5.41 42.57 -3.52
C VAL B 274 -5.08 43.84 -4.35
N GLY B 282 -10.29 30.83 -9.98
CA GLY B 282 -9.34 31.88 -10.37
C GLY B 282 -8.18 32.02 -9.40
N ALA B 283 -8.46 32.49 -8.20
CA ALA B 283 -7.43 32.47 -7.17
C ALA B 283 -7.10 31.04 -6.68
N GLY B 284 -8.07 30.12 -6.77
CA GLY B 284 -7.85 28.78 -6.26
C GLY B 284 -6.80 28.06 -7.09
N ASP B 285 -6.93 28.21 -8.41
CA ASP B 285 -6.07 27.53 -9.36
C ASP B 285 -4.64 28.07 -9.35
N GLY B 286 -4.50 29.40 -9.33
CA GLY B 286 -3.22 30.01 -9.12
C GLY B 286 -2.59 29.45 -7.85
N PHE B 287 -3.41 29.32 -6.82
CA PHE B 287 -2.94 28.78 -5.57
C PHE B 287 -2.37 27.37 -5.75
N ALA B 288 -3.17 26.48 -6.35
CA ALA B 288 -2.72 25.11 -6.63
C ALA B 288 -1.51 25.02 -7.57
N VAL B 289 -1.47 25.89 -8.57
CA VAL B 289 -0.38 25.92 -9.51
C VAL B 289 0.88 26.22 -8.72
N GLY B 290 0.74 27.16 -7.79
CA GLY B 290 1.85 27.59 -6.97
C GLY B 290 2.39 26.55 -6.01
N VAL B 291 1.54 25.90 -5.24
CA VAL B 291 2.10 25.00 -4.24
C VAL B 291 2.66 23.73 -4.86
N ILE B 292 1.98 23.24 -5.90
CA ILE B 292 2.41 22.03 -6.63
C ILE B 292 3.75 22.22 -7.38
N SER B 293 3.90 23.34 -8.08
CA SER B 293 5.16 23.63 -8.74
C SER B 293 6.32 23.74 -7.77
N ALA B 294 6.14 24.49 -6.68
CA ALA B 294 7.19 24.58 -5.63
C ALA B 294 7.53 23.24 -4.99
N LEU B 295 6.55 22.56 -4.40
CA LEU B 295 6.77 21.23 -3.79
C LEU B 295 7.61 20.32 -4.72
N LEU B 296 7.20 20.25 -5.99
CA LEU B 296 7.91 19.51 -7.03
C LEU B 296 9.34 20.00 -7.39
N ASP B 297 9.57 21.32 -7.30
CA ASP B 297 10.89 21.88 -7.58
C ASP B 297 11.79 21.59 -6.42
N GLY B 298 11.19 21.29 -5.28
CA GLY B 298 11.94 20.90 -4.09
C GLY B 298 11.92 21.94 -2.99
N LEU B 299 11.08 22.97 -3.12
CA LEU B 299 11.02 23.95 -2.05
C LEU B 299 10.27 23.36 -0.84
N GLY B 300 10.47 23.94 0.32
CA GLY B 300 9.74 23.52 1.50
C GLY B 300 8.31 23.95 1.37
N VAL B 301 7.50 23.49 2.33
CA VAL B 301 6.07 23.78 2.43
C VAL B 301 5.77 25.27 2.66
N PRO B 302 6.47 25.92 3.60
CA PRO B 302 6.21 27.37 3.70
C PRO B 302 6.63 28.20 2.45
N GLU B 303 7.71 27.78 1.78
CA GLU B 303 8.12 28.38 0.51
C GLU B 303 7.08 28.07 -0.58
N ALA B 304 6.64 26.81 -0.60
CA ALA B 304 5.72 26.35 -1.61
C ALA B 304 4.41 27.05 -1.44
N VAL B 305 3.98 27.18 -0.19
CA VAL B 305 2.69 27.80 0.11
C VAL B 305 2.69 29.27 -0.28
N LYS B 306 3.86 29.92 -0.25
CA LYS B 306 3.92 31.35 -0.54
C LYS B 306 4.00 31.56 -2.05
N ARG B 307 4.58 30.62 -2.77
CA ARG B 307 4.43 30.71 -4.22
C ARG B 307 2.93 30.71 -4.58
N GLY B 308 2.18 29.80 -3.97
CA GLY B 308 0.79 29.63 -4.26
C GLY B 308 0.05 30.88 -3.87
N ALA B 309 0.38 31.41 -2.71
CA ALA B 309 -0.29 32.60 -2.25
C ALA B 309 -0.09 33.74 -3.28
N TRP B 310 1.14 33.84 -3.82
CA TRP B 310 1.53 34.87 -4.80
C TRP B 310 0.84 34.74 -6.15
N ILE B 311 0.85 33.54 -6.71
CA ILE B 311 0.16 33.28 -7.96
C ILE B 311 -1.35 33.44 -7.77
N GLY B 312 -1.84 33.13 -6.57
CA GLY B 312 -3.25 33.24 -6.26
C GLY B 312 -3.76 34.68 -6.17
N ALA B 313 -3.00 35.54 -5.52
CA ALA B 313 -3.31 36.95 -5.54
C ALA B 313 -3.15 37.51 -6.96
N ARG B 314 -2.03 37.17 -7.60
CA ARG B 314 -1.75 37.64 -8.96
C ARG B 314 -2.77 37.20 -9.99
N ALA B 315 -3.19 35.94 -9.92
CA ALA B 315 -4.12 35.37 -10.89
C ALA B 315 -5.43 36.15 -10.98
N VAL B 316 -5.91 36.66 -9.85
CA VAL B 316 -7.14 37.47 -9.80
C VAL B 316 -6.95 38.85 -10.50
N GLN B 317 -6.86 38.81 -11.83
CA GLN B 317 -6.67 40.00 -12.68
C GLN B 317 -7.23 39.75 -14.08
N GLY B 324 -3.63 35.19 -16.88
CA GLY B 324 -2.73 36.01 -16.06
C GLY B 324 -2.03 35.14 -15.03
N LEU B 325 -1.68 33.92 -15.44
CA LEU B 325 -0.87 33.01 -14.65
C LEU B 325 0.59 33.15 -15.10
N PRO B 326 1.52 33.29 -14.14
CA PRO B 326 2.91 33.67 -14.36
C PRO B 326 3.71 32.80 -15.31
N THR B 327 4.82 33.36 -15.79
CA THR B 327 5.84 32.61 -16.49
C THR B 327 6.82 32.29 -15.40
N ARG B 328 7.72 31.34 -15.64
CA ARG B 328 8.86 31.15 -14.76
C ARG B 328 9.53 32.50 -14.56
N ALA B 329 9.70 33.23 -15.66
CA ALA B 329 10.39 34.51 -15.64
C ALA B 329 9.69 35.56 -14.78
N GLU B 330 8.36 35.59 -14.78
CA GLU B 330 7.63 36.56 -13.95
C GLU B 330 7.60 36.09 -12.50
N LEU B 331 7.72 34.78 -12.32
CA LEU B 331 7.83 34.18 -10.98
C LEU B 331 9.17 34.59 -10.33
N ASN B 332 10.23 34.25 -11.05
CA ASN B 332 11.60 34.49 -10.64
C ASN B 332 11.90 35.97 -10.47
N ALA B 333 11.28 36.81 -11.31
CA ALA B 333 11.44 38.26 -11.22
C ALA B 333 11.02 38.81 -9.86
N ALA B 334 9.83 38.43 -9.39
CA ALA B 334 9.21 39.03 -8.20
C ALA B 334 9.78 38.66 -6.83
N LYS B 335 10.93 37.98 -6.78
CA LYS B 335 11.50 37.47 -5.50
C LYS B 335 10.88 36.12 -5.07
N ALA C 26 -57.72 31.60 -40.48
CA ALA C 26 -56.97 32.13 -39.25
C ALA C 26 -55.45 32.25 -39.43
N LEU C 27 -54.91 31.52 -40.41
CA LEU C 27 -53.48 31.50 -40.70
C LEU C 27 -53.28 31.22 -42.19
N ASP C 28 -52.33 31.89 -42.79
CA ASP C 28 -52.05 31.66 -44.18
C ASP C 28 -51.26 30.36 -44.40
N VAL C 29 -50.13 30.19 -43.70
CA VAL C 29 -49.27 29.04 -43.92
C VAL C 29 -48.77 28.45 -42.60
N ILE C 30 -48.70 27.12 -42.55
CA ILE C 30 -48.06 26.40 -41.46
C ILE C 30 -46.86 25.61 -42.00
N THR C 31 -45.75 25.59 -41.24
CA THR C 31 -44.61 24.72 -41.48
C THR C 31 -44.12 24.07 -40.20
N PHE C 32 -43.61 22.85 -40.39
CA PHE C 32 -42.97 22.04 -39.38
C PHE C 32 -41.48 22.04 -39.75
N GLY C 33 -40.64 22.34 -38.75
CA GLY C 33 -39.20 22.31 -38.98
C GLY C 33 -38.33 22.78 -37.83
N GLU C 34 -37.03 22.56 -38.00
CA GLU C 34 -36.06 22.85 -37.00
C GLU C 34 -35.28 24.09 -37.35
N ALA C 35 -35.11 24.96 -36.37
CA ALA C 35 -34.30 26.15 -36.51
C ALA C 35 -33.11 25.93 -35.64
N LEU C 38 -27.16 29.95 -35.85
CA LEU C 38 -25.94 30.05 -36.63
C LEU C 38 -24.91 31.00 -36.03
N LEU C 39 -23.78 30.40 -35.64
CA LEU C 39 -22.55 31.12 -35.34
C LEU C 39 -21.68 31.25 -36.60
N VAL C 40 -21.43 32.50 -37.01
CA VAL C 40 -20.68 32.80 -38.22
C VAL C 40 -19.31 33.31 -37.86
N ALA C 41 -18.26 32.73 -38.40
CA ALA C 41 -16.93 33.19 -38.04
C ALA C 41 -16.69 34.60 -38.52
N ASP C 42 -16.07 35.43 -37.69
CA ASP C 42 -15.80 36.84 -38.00
C ASP C 42 -14.81 37.14 -39.13
N ARG C 43 -13.79 36.30 -39.25
CA ARG C 43 -12.77 36.47 -40.24
C ARG C 43 -12.54 35.15 -40.88
N PRO C 44 -11.89 35.20 -42.10
CA PRO C 44 -12.08 34.00 -42.92
C PRO C 44 -11.19 32.76 -42.87
N GLY C 45 -10.33 32.56 -41.91
CA GLY C 45 -9.48 31.41 -41.92
C GLY C 45 -10.31 30.20 -41.58
N PRO C 46 -9.60 29.06 -41.17
CA PRO C 46 -10.44 27.88 -40.87
C PRO C 46 -11.24 27.98 -39.60
N LEU C 47 -12.11 27.00 -39.36
CA LEU C 47 -13.02 27.09 -38.21
C LEU C 47 -12.25 27.14 -36.92
N GLU C 48 -11.44 26.11 -36.71
CA GLU C 48 -10.62 25.92 -35.52
C GLU C 48 -9.93 27.21 -35.10
N HIS C 49 -9.65 28.08 -36.07
CA HIS C 49 -8.81 29.24 -35.82
C HIS C 49 -9.57 30.54 -35.65
N ALA C 50 -10.89 30.48 -35.69
CA ALA C 50 -11.71 31.69 -35.64
C ALA C 50 -11.68 32.26 -34.23
N GLU C 51 -11.67 33.57 -34.10
CA GLU C 51 -11.57 34.19 -32.79
C GLU C 51 -12.87 34.85 -32.31
N ALA C 52 -13.88 34.89 -33.18
CA ALA C 52 -15.18 35.49 -32.82
C ALA C 52 -16.27 34.92 -33.69
N PHE C 53 -17.50 34.90 -33.16
CA PHE C 53 -18.66 34.51 -33.95
C PHE C 53 -19.79 35.51 -33.85
N HIS C 54 -20.68 35.44 -34.83
CA HIS C 54 -21.90 36.24 -34.87
C HIS C 54 -23.12 35.36 -34.97
N LYS C 55 -24.20 35.85 -34.37
CA LYS C 55 -25.47 35.15 -34.31
C LYS C 55 -26.33 35.45 -35.51
N ARG C 56 -26.79 34.39 -36.15
CA ARG C 56 -27.95 34.49 -37.01
C ARG C 56 -28.88 33.26 -36.76
N THR C 57 -29.85 33.11 -37.65
CA THR C 57 -30.83 32.04 -37.63
C THR C 57 -30.56 31.09 -38.78
N ALA C 58 -30.95 29.83 -38.58
CA ALA C 58 -30.78 28.80 -39.61
C ALA C 58 -31.91 27.75 -39.63
N GLY C 59 -32.30 27.34 -40.83
CA GLY C 59 -33.38 26.41 -40.95
C GLY C 59 -34.27 26.70 -42.15
N ALA C 60 -34.25 25.74 -43.10
CA ALA C 60 -34.97 25.82 -44.33
C ALA C 60 -36.41 26.33 -44.18
N GLU C 61 -37.14 25.70 -43.29
CA GLU C 61 -38.54 26.01 -43.16
C GLU C 61 -38.68 27.40 -42.54
N THR C 62 -37.84 27.71 -41.58
CA THR C 62 -37.92 29.00 -40.91
C THR C 62 -37.56 30.18 -41.85
N ASN C 63 -36.59 30.00 -42.77
CA ASN C 63 -36.32 31.10 -43.66
C ASN C 63 -37.48 31.33 -44.60
N VAL C 64 -38.20 30.29 -44.98
CA VAL C 64 -39.38 30.51 -45.85
C VAL C 64 -40.47 31.19 -45.02
N ALA C 65 -40.65 30.75 -43.77
CA ALA C 65 -41.55 31.38 -42.80
C ALA C 65 -41.23 32.87 -42.59
N ILE C 66 -39.99 33.20 -42.35
CA ILE C 66 -39.62 34.62 -42.21
C ILE C 66 -39.96 35.46 -43.47
N GLY C 67 -39.74 34.85 -44.64
CA GLY C 67 -40.03 35.49 -45.92
C GLY C 67 -41.50 35.73 -46.11
N LEU C 68 -42.31 34.70 -45.91
CA LEU C 68 -43.75 34.86 -46.06
C LEU C 68 -44.31 35.88 -45.07
N ALA C 69 -43.73 35.97 -43.88
CA ALA C 69 -44.26 36.87 -42.87
C ALA C 69 -43.86 38.32 -43.21
N ARG C 70 -42.66 38.51 -43.74
CA ARG C 70 -42.27 39.85 -44.19
C ARG C 70 -43.13 40.37 -45.33
N LEU C 71 -43.81 39.48 -46.04
CA LEU C 71 -44.73 39.92 -47.10
C LEU C 71 -46.11 40.07 -46.51
N GLY C 72 -46.19 40.16 -45.21
CA GLY C 72 -47.48 40.32 -44.58
C GLY C 72 -48.32 39.08 -44.35
N LEU C 73 -47.91 37.90 -44.84
CA LEU C 73 -48.70 36.69 -44.57
C LEU C 73 -48.69 36.24 -43.10
N LYS C 74 -49.75 35.57 -42.67
CA LYS C 74 -49.91 35.08 -41.29
C LYS C 74 -49.37 33.68 -41.21
N VAL C 75 -48.24 33.48 -40.52
CA VAL C 75 -47.50 32.20 -40.56
C VAL C 75 -47.35 31.55 -39.19
N GLY C 76 -47.61 30.25 -39.12
CA GLY C 76 -47.40 29.46 -37.92
C GLY C 76 -46.27 28.45 -38.08
N TRP C 77 -45.40 28.36 -37.07
CA TRP C 77 -44.26 27.46 -37.11
C TRP C 77 -44.33 26.40 -36.00
N ALA C 78 -44.27 25.13 -36.36
CA ALA C 78 -44.40 24.09 -35.37
C ALA C 78 -43.05 23.40 -35.21
N SER C 79 -42.57 23.29 -33.97
CA SER C 79 -41.20 22.84 -33.74
C SER C 79 -40.93 22.53 -32.25
N ARG C 80 -39.67 22.26 -31.94
CA ARG C 80 -39.28 22.02 -30.56
C ARG C 80 -37.99 22.75 -30.39
N LEU C 81 -37.66 23.14 -29.16
CA LEU C 81 -36.46 23.90 -28.79
C LEU C 81 -36.13 23.57 -27.34
N GLY C 82 -34.88 23.76 -26.93
CA GLY C 82 -34.52 23.63 -25.53
C GLY C 82 -34.97 24.90 -24.86
N THR C 83 -34.74 25.03 -23.54
CA THR C 83 -35.05 26.28 -22.82
C THR C 83 -33.79 27.05 -22.50
N ASP C 84 -32.69 26.60 -23.07
CA ASP C 84 -31.39 27.29 -23.00
C ASP C 84 -31.39 28.63 -23.77
N SER C 85 -30.35 29.44 -23.58
CA SER C 85 -30.27 30.72 -24.31
C SER C 85 -30.30 30.61 -25.83
N GLY C 87 -32.15 28.30 -27.64
CA GLY C 87 -33.60 28.21 -27.80
C GLY C 87 -34.36 29.53 -27.63
N ARG C 88 -34.07 30.22 -26.53
CA ARG C 88 -34.76 31.47 -26.22
C ARG C 88 -34.50 32.50 -27.30
N TYR C 89 -33.28 32.53 -27.83
CA TYR C 89 -32.99 33.41 -28.92
C TYR C 89 -33.81 33.05 -30.15
N LEU C 90 -33.80 31.77 -30.52
CA LEU C 90 -34.51 31.35 -31.72
C LEU C 90 -36.00 31.65 -31.66
N LEU C 91 -36.62 31.35 -30.54
CA LEU C 91 -38.04 31.67 -30.32
C LEU C 91 -38.32 33.19 -30.41
N ALA C 92 -37.47 34.00 -29.77
CA ALA C 92 -37.62 35.44 -29.81
C ALA C 92 -37.41 35.98 -31.22
N ALA C 93 -36.41 35.49 -31.95
CA ALA C 93 -36.10 36.01 -33.28
C ALA C 93 -37.17 35.72 -34.31
N ALA C 95 -40.55 35.06 -33.47
CA ALA C 95 -41.70 35.87 -33.07
C ALA C 95 -41.50 37.37 -33.37
N ALA C 96 -40.27 37.83 -33.48
CA ALA C 96 -40.00 39.23 -33.85
C ALA C 96 -40.30 39.51 -35.32
N GLU C 97 -40.45 38.45 -36.11
CA GLU C 97 -40.75 38.61 -37.53
C GLU C 97 -42.25 38.45 -37.80
N GLY C 98 -43.04 38.28 -36.74
CA GLY C 98 -44.47 38.10 -36.86
C GLY C 98 -44.95 36.66 -36.98
N ILE C 99 -44.04 35.69 -36.88
CA ILE C 99 -44.47 34.29 -36.94
C ILE C 99 -45.18 33.91 -35.66
N ASP C 100 -46.28 33.16 -35.80
CA ASP C 100 -47.00 32.56 -34.65
C ASP C 100 -46.15 31.40 -34.13
N CYS C 101 -45.67 31.50 -32.90
CA CYS C 101 -44.87 30.40 -32.30
C CYS C 101 -45.57 29.64 -31.17
N SER C 102 -46.90 29.56 -31.24
CA SER C 102 -47.70 28.99 -30.18
C SER C 102 -47.52 27.51 -30.11
N HIS C 103 -46.97 26.94 -31.18
CA HIS C 103 -46.76 25.50 -31.28
C HIS C 103 -45.27 25.17 -31.35
N VAL C 104 -44.48 26.02 -30.70
CA VAL C 104 -43.13 25.67 -30.40
C VAL C 104 -43.07 25.25 -28.93
N VAL C 105 -42.84 23.95 -28.73
CA VAL C 105 -42.71 23.44 -27.41
C VAL C 105 -41.31 23.81 -26.92
N CYS C 106 -41.22 24.36 -25.74
CA CYS C 106 -39.91 24.64 -25.22
C CYS C 106 -39.69 23.69 -24.07
N ASP C 107 -39.01 22.61 -24.40
CA ASP C 107 -38.78 21.49 -23.54
C ASP C 107 -37.40 21.66 -22.86
N ALA C 108 -37.40 21.80 -21.53
CA ALA C 108 -36.18 21.98 -20.73
C ALA C 108 -35.35 20.70 -20.64
N THR C 109 -35.90 19.60 -21.12
CA THR C 109 -35.24 18.31 -20.97
C THR C 109 -34.38 18.06 -22.19
N GLN C 110 -34.65 18.79 -23.26
CA GLN C 110 -34.02 18.57 -24.54
C GLN C 110 -33.09 19.71 -24.94
N LYS C 111 -32.32 19.50 -26.00
CA LYS C 111 -31.34 20.51 -26.43
C LYS C 111 -31.58 21.16 -27.78
N THR C 112 -31.17 22.43 -27.90
CA THR C 112 -31.36 23.23 -29.12
C THR C 112 -30.23 22.94 -30.12
N GLY C 113 -30.52 22.92 -31.40
CA GLY C 113 -29.47 22.72 -32.38
C GLY C 113 -28.68 23.98 -32.65
N PHE C 114 -27.48 23.82 -33.19
CA PHE C 114 -26.66 24.96 -33.59
C PHE C 114 -25.70 24.62 -34.73
N GLN C 115 -25.11 25.66 -35.35
CA GLN C 115 -24.15 25.44 -36.44
C GLN C 115 -23.08 26.52 -36.55
N PHE C 116 -21.94 26.11 -37.09
CA PHE C 116 -20.85 27.03 -37.44
C PHE C 116 -20.72 27.16 -38.97
N LYS C 117 -20.54 28.38 -39.45
CA LYS C 117 -20.09 28.60 -40.82
C LYS C 117 -18.91 29.57 -40.83
N GLY C 118 -17.84 29.15 -41.53
CA GLY C 118 -16.69 30.03 -41.80
C GLY C 118 -17.11 31.15 -42.74
N LYS C 119 -16.45 32.31 -42.63
CA LYS C 119 -16.56 33.37 -43.65
C LYS C 119 -15.70 32.97 -44.85
N VAL C 120 -15.96 33.60 -46.00
CA VAL C 120 -15.09 33.43 -47.17
C VAL C 120 -15.03 34.70 -47.99
N THR C 121 -13.90 34.87 -48.69
CA THR C 121 -13.81 35.74 -49.88
C THR C 121 -13.55 34.86 -51.12
N ASP C 122 -12.89 33.72 -50.86
CA ASP C 122 -12.31 32.84 -51.87
C ASP C 122 -13.33 32.36 -52.91
N ASP C 125 -17.74 28.54 -51.65
CA ASP C 125 -18.70 28.01 -50.69
C ASP C 125 -18.08 27.84 -49.29
N PRO C 126 -18.63 28.52 -48.26
CA PRO C 126 -18.10 28.35 -46.91
C PRO C 126 -18.63 27.06 -46.27
N PRO C 127 -17.79 26.32 -45.56
CA PRO C 127 -18.34 25.03 -45.12
C PRO C 127 -19.06 25.13 -43.74
N VAL C 128 -20.32 24.70 -43.71
CA VAL C 128 -21.13 24.75 -42.48
C VAL C 128 -20.86 23.53 -41.59
N GLU C 129 -20.72 23.74 -40.27
CA GLU C 129 -20.60 22.61 -39.34
C GLU C 129 -21.84 22.51 -38.46
N TYR C 130 -22.47 21.34 -38.50
CA TYR C 130 -23.78 21.16 -37.89
C TYR C 130 -23.64 20.46 -36.59
N HIS C 131 -24.37 20.94 -35.60
CA HIS C 131 -24.40 20.30 -34.32
C HIS C 131 -25.87 20.13 -33.99
N ARG C 132 -26.53 19.23 -34.69
CA ARG C 132 -27.97 19.13 -34.52
C ARG C 132 -28.45 17.77 -34.05
N LYS C 133 -27.52 16.82 -33.92
CA LYS C 133 -27.82 15.42 -33.61
C LYS C 133 -28.52 15.39 -32.28
N GLY C 134 -29.63 14.66 -32.22
CA GLY C 134 -30.39 14.52 -30.97
C GLY C 134 -31.09 15.76 -30.41
N SER C 135 -31.32 16.79 -31.22
CA SER C 135 -31.87 18.06 -30.73
C SER C 135 -33.36 17.87 -30.42
N ALA C 136 -34.00 18.82 -29.73
CA ALA C 136 -35.43 18.77 -29.41
C ALA C 136 -36.23 18.54 -30.70
N ALA C 137 -36.03 19.37 -31.73
CA ALA C 137 -36.70 19.14 -33.00
C ALA C 137 -36.56 17.69 -33.52
N SER C 138 -35.39 17.07 -33.34
CA SER C 138 -35.19 15.69 -33.82
C SER C 138 -36.18 14.74 -33.17
N HIS C 139 -36.65 15.09 -31.98
CA HIS C 139 -37.59 14.24 -31.27
C HIS C 139 -39.04 14.33 -31.77
N GLY C 141 -42.58 13.90 -33.58
CA GLY C 141 -43.24 12.90 -34.39
C GLY C 141 -44.71 13.21 -34.44
N VAL C 142 -45.51 12.26 -34.89
CA VAL C 142 -46.97 12.42 -35.05
C VAL C 142 -47.73 13.00 -33.86
N ALA C 143 -47.24 12.79 -32.63
CA ALA C 143 -47.94 13.26 -31.42
C ALA C 143 -47.68 14.74 -31.22
N ASP C 144 -46.76 15.29 -32.01
CA ASP C 144 -46.52 16.74 -32.01
C ASP C 144 -47.56 17.46 -32.81
N ILE C 145 -48.23 16.71 -33.68
CA ILE C 145 -49.18 17.33 -34.58
C ILE C 145 -50.47 17.69 -33.86
N ASP C 146 -50.75 19.00 -33.75
CA ASP C 146 -52.05 19.51 -33.33
C ASP C 146 -52.99 19.68 -34.51
N GLU C 147 -53.75 18.64 -34.84
CA GLU C 147 -54.55 18.53 -36.09
C GLU C 147 -55.50 19.66 -36.35
N ALA C 148 -56.23 20.06 -35.32
CA ALA C 148 -57.21 21.11 -35.50
C ALA C 148 -56.53 22.44 -35.77
N TRP C 149 -55.36 22.68 -35.17
CA TRP C 149 -54.58 23.89 -35.42
C TRP C 149 -54.06 23.91 -36.87
N LEU C 150 -53.70 22.71 -37.33
CA LEU C 150 -53.16 22.48 -38.66
C LEU C 150 -54.20 22.79 -39.73
N LEU C 151 -55.29 22.01 -39.76
CA LEU C 151 -56.46 22.28 -40.60
C LEU C 151 -56.94 23.75 -40.49
N SER C 152 -56.50 24.46 -39.45
CA SER C 152 -56.87 25.87 -39.28
C SER C 152 -56.14 26.86 -40.20
N ALA C 153 -55.21 26.36 -41.00
CA ALA C 153 -54.42 27.18 -41.94
C ALA C 153 -54.80 26.96 -43.42
N ARG C 154 -54.60 27.95 -44.27
CA ARG C 154 -54.94 27.77 -45.70
C ARG C 154 -54.03 26.71 -46.30
N HIS C 155 -52.73 26.83 -46.01
CA HIS C 155 -51.69 26.15 -46.75
C HIS C 155 -50.60 25.53 -45.86
N LEU C 156 -50.12 24.35 -46.24
CA LEU C 156 -48.97 23.75 -45.58
C LEU C 156 -47.72 23.82 -46.44
N HIS C 157 -46.63 24.37 -45.91
CA HIS C 157 -45.41 24.29 -46.68
C HIS C 157 -44.52 23.20 -46.13
N ALA C 158 -44.10 22.28 -47.00
CA ALA C 158 -43.27 21.14 -46.59
C ALA C 158 -41.97 21.16 -47.37
N THR C 159 -40.92 20.72 -46.73
CA THR C 159 -39.62 20.67 -47.36
C THR C 159 -39.06 19.23 -47.23
N GLY C 160 -37.92 18.94 -47.88
CA GLY C 160 -37.27 17.66 -47.72
C GLY C 160 -36.35 17.58 -46.50
N VAL C 161 -36.17 18.69 -45.77
CA VAL C 161 -35.23 18.78 -44.66
C VAL C 161 -35.87 18.16 -43.43
N PHE C 162 -37.03 18.68 -43.02
CA PHE C 162 -37.76 18.20 -41.84
C PHE C 162 -37.96 16.69 -41.84
N PRO C 163 -38.54 16.13 -42.92
CA PRO C 163 -38.64 14.67 -42.98
C PRO C 163 -37.30 13.89 -42.87
N ALA C 164 -36.16 14.58 -42.95
CA ALA C 164 -34.84 13.95 -42.94
C ALA C 164 -34.14 14.00 -41.59
N ILE C 165 -34.78 14.56 -40.57
CA ILE C 165 -34.05 14.80 -39.33
C ILE C 165 -33.81 13.50 -38.60
N SER C 166 -34.87 12.72 -38.44
CA SER C 166 -34.80 11.52 -37.62
C SER C 166 -35.85 10.51 -38.05
N ALA C 167 -35.87 9.35 -37.40
CA ALA C 167 -36.88 8.34 -37.71
C ALA C 167 -38.28 8.80 -37.30
N THR C 168 -38.37 9.66 -36.29
CA THR C 168 -39.68 10.17 -35.87
C THR C 168 -40.29 11.27 -36.78
N THR C 169 -39.46 12.04 -37.51
CA THR C 169 -39.98 13.17 -38.30
C THR C 169 -40.61 12.77 -39.68
N LEU C 170 -40.05 11.74 -40.32
CA LEU C 170 -40.58 11.31 -41.61
C LEU C 170 -42.03 10.90 -41.51
N PRO C 171 -42.37 10.04 -40.51
CA PRO C 171 -43.79 9.71 -40.35
C PRO C 171 -44.64 10.98 -40.11
N ALA C 172 -44.08 11.95 -39.39
CA ALA C 172 -44.72 13.23 -39.10
C ALA C 172 -44.84 14.12 -40.34
N ALA C 173 -43.91 13.99 -41.28
CA ALA C 173 -43.98 14.78 -42.53
C ALA C 173 -45.12 14.25 -43.33
N ARG C 174 -45.07 12.93 -43.57
CA ARG C 174 -46.15 12.18 -44.21
C ARG C 174 -47.52 12.51 -43.61
N LYS C 175 -47.70 12.31 -42.30
CA LYS C 175 -49.01 12.53 -41.71
C LYS C 175 -49.45 13.99 -41.78
N THR C 176 -48.56 14.94 -41.48
CA THR C 176 -48.91 16.34 -41.69
C THR C 176 -49.54 16.53 -43.08
N ASP C 178 -50.77 14.29 -45.46
CA ASP C 178 -52.01 13.52 -45.68
C ASP C 178 -53.18 14.30 -45.14
N LEU C 179 -52.99 14.78 -43.92
CA LEU C 179 -54.04 15.43 -43.17
C LEU C 179 -54.61 16.58 -43.93
N ARG C 181 -54.26 17.41 -47.25
CA ARG C 181 -54.84 17.07 -48.52
C ARG C 181 -56.27 16.62 -48.26
N ALA C 182 -56.41 15.53 -47.51
CA ALA C 182 -57.72 15.01 -47.10
C ALA C 182 -58.75 16.11 -46.79
N ALA C 183 -58.31 17.22 -46.18
CA ALA C 183 -59.20 18.33 -45.82
C ALA C 183 -59.24 19.44 -46.86
N GLY C 184 -58.80 19.12 -48.07
CA GLY C 184 -58.87 20.04 -49.21
C GLY C 184 -58.20 21.35 -48.92
N ARG C 185 -56.97 21.26 -48.46
CA ARG C 185 -56.21 22.42 -48.10
C ARG C 185 -54.99 22.34 -48.97
N SER C 186 -54.36 23.49 -49.19
CA SER C 186 -53.15 23.62 -50.02
C SER C 186 -51.87 23.00 -49.43
N VAL C 187 -51.22 22.12 -50.20
CA VAL C 187 -49.91 21.57 -49.81
C VAL C 187 -48.80 21.80 -50.86
N SER C 188 -47.63 22.14 -50.34
CA SER C 188 -46.58 22.74 -51.09
C SER C 188 -45.32 22.00 -50.73
N PHE C 189 -44.54 21.61 -51.71
CA PHE C 189 -43.40 20.78 -51.40
C PHE C 189 -42.19 21.27 -52.12
N ASP C 190 -41.11 21.42 -51.38
CA ASP C 190 -39.89 21.78 -51.98
C ASP C 190 -38.94 20.67 -51.65
N PRO C 191 -38.59 19.84 -52.65
CA PRO C 191 -37.80 18.64 -52.41
C PRO C 191 -36.32 18.94 -52.42
N ASN C 192 -35.85 19.73 -51.47
CA ASN C 192 -34.40 19.92 -51.39
C ASN C 192 -33.69 18.68 -50.85
N LEU C 193 -32.38 18.64 -51.04
CA LEU C 193 -31.66 17.44 -50.74
C LEU C 193 -30.66 17.78 -49.70
N ARG C 194 -30.67 17.02 -48.63
CA ARG C 194 -29.60 17.10 -47.68
C ARG C 194 -29.11 15.68 -47.46
N PRO C 195 -28.07 15.28 -48.17
CA PRO C 195 -27.59 13.90 -48.18
C PRO C 195 -27.14 13.42 -46.83
N THR C 196 -26.55 14.31 -46.06
CA THR C 196 -25.88 14.04 -44.81
C THR C 196 -26.83 13.52 -43.77
N LEU C 197 -28.12 13.75 -43.99
CA LEU C 197 -29.16 13.35 -43.08
C LEU C 197 -29.90 12.10 -43.40
N TRP C 198 -29.68 11.54 -44.55
CA TRP C 198 -30.37 10.31 -44.91
C TRP C 198 -29.39 9.15 -45.01
N ALA C 199 -29.85 7.95 -44.67
CA ALA C 199 -28.99 6.75 -44.61
C ALA C 199 -28.16 6.53 -45.90
N THR C 200 -28.85 6.30 -47.02
CA THR C 200 -28.24 6.23 -48.36
C THR C 200 -28.95 7.17 -49.30
N PRO C 201 -28.32 7.47 -50.46
CA PRO C 201 -28.95 8.19 -51.55
C PRO C 201 -30.27 7.59 -52.02
N GLU C 202 -30.32 6.27 -52.11
CA GLU C 202 -31.52 5.62 -52.61
C GLU C 202 -32.72 5.93 -51.74
N LEU C 203 -32.56 5.81 -50.43
CA LEU C 203 -33.70 5.96 -49.52
C LEU C 203 -34.27 7.35 -49.60
N ARG C 205 -34.05 9.41 -52.16
CA ARG C 205 -34.83 9.48 -53.38
C ARG C 205 -36.21 8.89 -53.19
N ASP C 206 -36.27 7.72 -52.58
CA ASP C 206 -37.52 7.04 -52.34
C ASP C 206 -38.47 7.84 -51.47
N ALA C 207 -37.98 8.32 -50.34
CA ALA C 207 -38.83 9.06 -49.44
C ALA C 207 -39.30 10.42 -50.05
N ILE C 208 -38.34 11.24 -50.52
CA ILE C 208 -38.68 12.48 -51.17
C ILE C 208 -39.73 12.22 -52.25
N ASN C 209 -39.51 11.21 -53.08
CA ASN C 209 -40.50 10.97 -54.15
C ASN C 209 -41.87 10.50 -53.66
N ASP C 210 -41.90 9.80 -52.52
CA ASP C 210 -43.17 9.32 -51.93
C ASP C 210 -43.93 10.45 -51.22
N LEU C 211 -43.18 11.28 -50.48
CA LEU C 211 -43.69 12.55 -50.02
C LEU C 211 -44.34 13.33 -51.16
N ALA C 212 -43.69 13.40 -52.33
CA ALA C 212 -44.17 14.17 -53.48
C ALA C 212 -45.56 13.75 -53.89
N THR C 213 -45.91 12.54 -53.47
CA THR C 213 -47.23 11.92 -53.64
C THR C 213 -48.32 12.66 -52.89
N ARG C 214 -47.95 13.50 -51.94
CA ARG C 214 -48.93 14.18 -51.11
C ARG C 214 -48.96 15.68 -51.36
N ALA C 215 -48.33 16.12 -52.44
CA ALA C 215 -48.25 17.56 -52.66
C ALA C 215 -49.10 18.05 -53.84
N ASP C 216 -49.70 19.23 -53.65
CA ASP C 216 -50.31 20.01 -54.74
C ASP C 216 -49.25 20.72 -55.60
N TRP C 217 -48.42 21.57 -54.98
CA TRP C 217 -47.36 22.24 -55.75
C TRP C 217 -45.98 21.70 -55.40
N VAL C 218 -45.21 21.29 -56.39
CA VAL C 218 -43.90 20.75 -56.17
C VAL C 218 -42.88 21.67 -56.81
N LEU C 219 -41.78 21.90 -56.09
CA LEU C 219 -40.92 23.06 -56.31
C LEU C 219 -39.44 22.71 -56.46
N PRO C 220 -39.13 21.75 -57.34
CA PRO C 220 -37.81 21.21 -57.46
C PRO C 220 -36.90 22.03 -58.35
N GLY C 221 -35.67 22.21 -57.89
CA GLY C 221 -34.61 22.76 -58.71
C GLY C 221 -34.19 21.73 -59.73
N GLU C 223 -31.14 20.52 -60.78
CA GLU C 223 -30.19 19.48 -60.36
C GLU C 223 -30.85 18.38 -59.50
N GLU C 224 -31.58 18.80 -58.48
CA GLU C 224 -32.38 17.91 -57.65
C GLU C 224 -33.25 17.07 -58.56
N GLY C 225 -33.98 17.73 -59.45
CA GLY C 225 -34.86 17.03 -60.38
C GLY C 225 -34.30 15.78 -61.04
N ARG C 226 -33.17 15.94 -61.74
CA ARG C 226 -32.46 14.85 -62.44
C ARG C 226 -32.02 13.73 -61.49
N PHE C 227 -31.50 14.11 -60.34
CA PHE C 227 -31.13 13.12 -59.35
C PHE C 227 -32.34 12.26 -59.00
N LEU C 228 -33.46 12.94 -58.72
CA LEU C 228 -34.69 12.35 -58.23
C LEU C 228 -35.53 11.64 -59.27
N THR C 229 -35.40 12.02 -60.53
CA THR C 229 -36.32 11.55 -61.55
C THR C 229 -35.63 10.86 -62.70
N GLY C 230 -34.33 11.11 -62.86
CA GLY C 230 -33.60 10.58 -64.02
C GLY C 230 -33.75 11.47 -65.24
N GLU C 231 -34.85 12.21 -65.30
CA GLU C 231 -35.12 13.12 -66.41
C GLU C 231 -34.07 14.21 -66.55
N THR C 232 -33.85 14.70 -67.76
CA THR C 232 -32.81 15.72 -67.96
C THR C 232 -33.34 17.02 -68.57
N THR C 233 -34.64 17.14 -68.76
CA THR C 233 -35.24 18.38 -69.19
C THR C 233 -36.35 18.78 -68.24
N PRO C 234 -36.52 20.09 -67.98
CA PRO C 234 -37.55 20.55 -67.01
C PRO C 234 -38.94 19.95 -67.26
N GLU C 235 -39.33 19.90 -68.53
CA GLU C 235 -40.56 19.27 -68.97
C GLU C 235 -40.65 17.83 -68.48
N GLY C 236 -39.50 17.15 -68.43
CA GLY C 236 -39.43 15.75 -68.03
C GLY C 236 -39.57 15.60 -66.53
N VAL C 237 -38.88 16.47 -65.78
CA VAL C 237 -38.99 16.53 -64.33
C VAL C 237 -40.43 16.84 -64.00
N ALA C 238 -40.95 17.82 -64.71
CA ALA C 238 -42.30 18.34 -64.49
C ALA C 238 -43.36 17.24 -64.60
N ARG C 239 -43.32 16.47 -65.69
CA ARG C 239 -44.35 15.42 -65.87
C ARG C 239 -44.23 14.32 -64.83
N PHE C 240 -43.01 13.93 -64.51
CA PHE C 240 -42.77 13.03 -63.41
C PHE C 240 -43.58 13.43 -62.15
N TYR C 241 -43.60 14.70 -61.80
CA TYR C 241 -44.30 15.07 -60.60
C TYR C 241 -45.79 15.29 -60.81
N ARG C 242 -46.17 15.57 -62.05
CA ARG C 242 -47.58 15.70 -62.36
C ARG C 242 -48.17 14.34 -62.34
N GLN C 243 -47.41 13.37 -62.83
CA GLN C 243 -47.83 11.98 -62.89
C GLN C 243 -48.04 11.39 -61.48
N LEU C 244 -47.29 11.90 -60.48
CA LEU C 244 -47.44 11.44 -59.09
C LEU C 244 -48.54 12.18 -58.34
N GLY C 245 -49.26 13.04 -59.05
CA GLY C 245 -50.51 13.62 -58.56
C GLY C 245 -50.44 15.11 -58.29
N ALA C 246 -49.39 15.78 -58.75
CA ALA C 246 -49.23 17.18 -58.44
C ALA C 246 -50.08 18.02 -59.37
N LYS C 247 -50.82 18.96 -58.80
CA LYS C 247 -51.62 19.92 -59.58
C LYS C 247 -50.75 20.97 -60.28
N LEU C 248 -49.55 21.20 -59.76
CA LEU C 248 -48.63 22.20 -60.30
C LEU C 248 -47.19 21.80 -59.94
N VAL C 249 -46.28 21.97 -60.91
CA VAL C 249 -44.87 21.81 -60.67
C VAL C 249 -44.15 23.04 -61.26
N VAL C 250 -43.22 23.59 -60.50
CA VAL C 250 -42.42 24.70 -60.97
C VAL C 250 -40.98 24.23 -60.79
N VAL C 251 -40.25 24.24 -61.90
CA VAL C 251 -38.90 23.75 -61.92
C VAL C 251 -38.01 24.97 -61.96
N LYS C 252 -37.09 25.10 -61.01
CA LYS C 252 -36.29 26.28 -60.90
C LYS C 252 -35.10 26.16 -61.82
N LEU C 253 -34.67 27.25 -62.44
CA LEU C 253 -33.59 27.11 -63.43
C LEU C 253 -32.36 28.02 -63.22
N GLY C 254 -32.21 28.58 -62.02
CA GLY C 254 -31.12 29.51 -61.80
C GLY C 254 -31.28 30.75 -62.66
N ALA C 255 -30.17 31.25 -63.21
CA ALA C 255 -30.23 32.50 -63.98
C ALA C 255 -31.21 32.44 -65.15
N GLU C 256 -31.51 31.23 -65.65
CA GLU C 256 -32.51 31.03 -66.71
C GLU C 256 -33.96 31.16 -66.20
N GLY C 257 -34.14 31.38 -64.90
CA GLY C 257 -35.49 31.49 -64.30
C GLY C 257 -36.13 30.15 -64.00
N ALA C 258 -37.30 29.89 -64.58
CA ALA C 258 -38.10 28.71 -64.21
C ALA C 258 -39.04 28.21 -65.28
N TYR C 259 -39.27 26.92 -65.29
CA TYR C 259 -40.33 26.36 -66.09
C TYR C 259 -41.43 25.98 -65.14
N PHE C 260 -42.67 26.13 -65.58
CA PHE C 260 -43.82 25.63 -64.81
C PHE C 260 -44.68 24.84 -65.75
N ASP C 261 -45.48 23.97 -65.16
CA ASP C 261 -46.28 22.97 -65.83
C ASP C 261 -47.45 22.77 -64.91
N GLY C 262 -48.62 23.19 -65.34
CA GLY C 262 -49.77 22.98 -64.50
C GLY C 262 -51.02 22.66 -65.24
N GLU C 263 -52.06 22.38 -64.46
CA GLU C 263 -53.44 22.26 -64.93
C GLU C 263 -53.84 23.29 -65.97
N ALA C 264 -53.54 24.57 -65.71
CA ALA C 264 -53.83 25.65 -66.68
C ALA C 264 -53.00 25.58 -67.97
N GLY C 265 -51.88 24.82 -67.94
CA GLY C 265 -50.88 24.79 -69.02
C GLY C 265 -49.45 24.92 -68.54
N SER C 266 -48.51 25.17 -69.46
CA SER C 266 -47.06 25.25 -69.15
C SER C 266 -46.45 26.53 -69.71
N GLY C 267 -45.21 26.79 -69.35
CA GLY C 267 -44.51 27.95 -69.88
C GLY C 267 -43.16 28.14 -69.23
N ARG C 268 -42.45 29.19 -69.63
CA ARG C 268 -41.19 29.59 -68.98
C ARG C 268 -41.31 31.02 -68.56
N VAL C 269 -40.65 31.35 -67.46
CA VAL C 269 -40.58 32.71 -66.97
C VAL C 269 -39.10 33.08 -66.91
N ALA C 270 -38.78 34.26 -67.44
CA ALA C 270 -37.41 34.71 -67.70
C ALA C 270 -36.40 34.50 -66.58
N GLY C 271 -36.62 35.15 -65.45
CA GLY C 271 -35.54 35.27 -64.48
C GLY C 271 -34.82 36.61 -64.58
N PHE C 272 -34.28 37.07 -63.45
CA PHE C 272 -33.68 38.40 -63.33
C PHE C 272 -32.13 38.32 -63.33
N PRO C 273 -31.47 39.50 -63.24
CA PRO C 273 -30.16 39.44 -63.88
C PRO C 273 -28.90 39.29 -62.99
N VAL C 274 -28.97 39.64 -61.71
CA VAL C 274 -27.77 39.54 -60.84
C VAL C 274 -26.65 40.46 -61.36
N GLY C 282 -29.46 29.87 -50.78
CA GLY C 282 -30.78 30.23 -50.25
C GLY C 282 -31.65 31.03 -51.22
N ALA C 283 -31.39 30.91 -52.51
CA ALA C 283 -32.22 31.53 -53.52
C ALA C 283 -33.49 30.70 -53.72
N GLY C 284 -33.38 29.42 -53.41
CA GLY C 284 -34.48 28.47 -53.52
C GLY C 284 -35.49 28.79 -52.44
N ASP C 285 -34.98 29.27 -51.32
CA ASP C 285 -35.85 29.73 -50.26
C ASP C 285 -36.65 30.96 -50.73
N GLY C 286 -35.95 31.94 -51.29
CA GLY C 286 -36.62 33.11 -51.81
C GLY C 286 -37.55 32.71 -52.94
N PHE C 287 -37.08 31.79 -53.76
CA PHE C 287 -37.95 31.40 -54.84
C PHE C 287 -39.26 30.87 -54.34
N ALA C 288 -39.22 30.09 -53.27
CA ALA C 288 -40.43 29.46 -52.74
C ALA C 288 -41.34 30.44 -52.01
N VAL C 289 -40.71 31.40 -51.34
CA VAL C 289 -41.45 32.49 -50.66
C VAL C 289 -42.31 33.22 -51.70
N GLY C 290 -41.69 33.64 -52.79
CA GLY C 290 -42.41 34.23 -53.92
C GLY C 290 -43.55 33.41 -54.52
N VAL C 291 -43.25 32.22 -55.02
CA VAL C 291 -44.33 31.40 -55.63
C VAL C 291 -45.49 31.17 -54.67
N ILE C 292 -45.20 30.70 -53.45
CA ILE C 292 -46.26 30.41 -52.47
C ILE C 292 -47.11 31.64 -52.12
N SER C 293 -46.43 32.77 -51.82
CA SER C 293 -47.13 34.01 -51.49
C SER C 293 -48.01 34.51 -52.64
N ALA C 294 -47.44 34.64 -53.84
CA ALA C 294 -48.25 35.03 -54.99
C ALA C 294 -49.52 34.19 -55.17
N LEU C 295 -49.39 32.88 -55.18
CA LEU C 295 -50.55 32.00 -55.29
C LEU C 295 -51.58 32.19 -54.16
N LEU C 296 -51.12 32.56 -52.99
CA LEU C 296 -52.00 32.75 -51.86
C LEU C 296 -52.60 34.15 -51.93
N ASP C 297 -51.89 35.06 -52.58
CA ASP C 297 -52.39 36.41 -52.88
C ASP C 297 -53.51 36.32 -53.95
N GLY C 298 -53.58 35.16 -54.61
CA GLY C 298 -54.58 34.91 -55.65
C GLY C 298 -54.10 35.22 -57.05
N LEU C 299 -52.80 35.35 -57.23
CA LEU C 299 -52.24 35.64 -58.56
C LEU C 299 -52.08 34.37 -59.34
N GLY C 300 -52.16 34.48 -60.67
CA GLY C 300 -52.04 33.34 -61.56
C GLY C 300 -50.62 32.81 -61.56
N VAL C 301 -50.45 31.62 -62.10
CA VAL C 301 -49.17 30.95 -62.05
C VAL C 301 -48.00 31.79 -62.59
N PRO C 302 -48.08 32.31 -63.84
CA PRO C 302 -46.88 33.05 -64.35
C PRO C 302 -46.47 34.28 -63.53
N GLU C 303 -47.42 34.98 -62.94
CA GLU C 303 -47.08 36.15 -62.12
C GLU C 303 -46.31 35.72 -60.88
N ALA C 304 -46.70 34.54 -60.36
CA ALA C 304 -46.18 33.95 -59.15
C ALA C 304 -44.79 33.43 -59.35
N VAL C 305 -44.53 32.91 -60.54
CA VAL C 305 -43.22 32.37 -60.82
C VAL C 305 -42.23 33.49 -60.98
N LYS C 306 -42.67 34.63 -61.47
CA LYS C 306 -41.72 35.72 -61.66
C LYS C 306 -41.45 36.39 -60.31
N ARG C 307 -42.47 36.41 -59.46
CA ARG C 307 -42.23 36.81 -58.06
C ARG C 307 -41.11 35.92 -57.47
N GLY C 308 -41.32 34.62 -57.44
CA GLY C 308 -40.33 33.69 -57.02
C GLY C 308 -39.01 34.04 -57.62
N ALA C 309 -39.04 34.33 -58.90
CA ALA C 309 -37.78 34.59 -59.59
C ALA C 309 -37.22 35.93 -59.16
N TRP C 310 -38.06 36.91 -58.88
CA TRP C 310 -37.49 38.18 -58.38
C TRP C 310 -36.87 38.01 -57.00
N ILE C 311 -37.68 37.52 -56.04
CA ILE C 311 -37.19 37.21 -54.71
C ILE C 311 -36.02 36.26 -54.75
N GLY C 312 -36.02 35.34 -55.68
CA GLY C 312 -34.90 34.43 -55.82
C GLY C 312 -33.60 35.15 -56.13
N ALA C 313 -33.60 35.90 -57.22
CA ALA C 313 -32.45 36.72 -57.63
C ALA C 313 -32.01 37.71 -56.53
N ARG C 314 -32.97 38.44 -55.98
CA ARG C 314 -32.69 39.33 -54.88
C ARG C 314 -31.86 38.59 -53.82
N ALA C 315 -32.39 37.44 -53.37
CA ALA C 315 -31.76 36.69 -52.28
C ALA C 315 -30.33 36.20 -52.56
N VAL C 316 -30.01 35.90 -53.82
CA VAL C 316 -28.69 35.32 -54.20
C VAL C 316 -27.52 36.31 -54.23
N GLN C 317 -27.81 37.59 -53.95
CA GLN C 317 -26.84 38.71 -54.07
C GLN C 317 -26.43 39.30 -52.72
N GLY C 324 -32.25 39.54 -45.46
CA GLY C 324 -32.32 40.24 -46.75
C GLY C 324 -33.44 39.72 -47.66
N LEU C 325 -34.48 39.15 -47.04
CA LEU C 325 -35.63 38.65 -47.82
C LEU C 325 -36.68 39.74 -47.67
N PRO C 326 -37.32 40.16 -48.78
CA PRO C 326 -38.10 41.41 -48.91
C PRO C 326 -39.39 41.58 -48.11
N THR C 327 -39.61 42.83 -47.73
CA THR C 327 -40.85 43.33 -47.17
C THR C 327 -41.88 43.44 -48.27
N ARG C 328 -43.14 43.40 -47.88
CA ARG C 328 -44.24 43.76 -48.75
C ARG C 328 -43.95 45.07 -49.49
N ALA C 329 -43.47 46.05 -48.73
CA ALA C 329 -43.08 47.33 -49.27
C ALA C 329 -41.99 47.16 -50.33
N GLU C 330 -40.82 46.63 -49.97
CA GLU C 330 -39.77 46.41 -50.98
C GLU C 330 -40.35 45.71 -52.20
N LEU C 331 -41.31 44.85 -51.96
CA LEU C 331 -41.87 44.14 -53.07
C LEU C 331 -42.60 45.05 -53.97
N ASN C 332 -43.40 45.89 -53.39
CA ASN C 332 -44.34 46.65 -54.16
C ASN C 332 -43.64 47.60 -55.12
N ALA C 333 -42.38 47.87 -54.85
CA ALA C 333 -41.61 48.69 -55.72
C ALA C 333 -41.09 47.91 -56.92
N ALA C 334 -42.05 47.44 -57.72
CA ALA C 334 -41.89 46.93 -59.13
C ALA C 334 -43.05 46.01 -59.56
N ALA D 26 55.67 -37.15 40.67
CA ALA D 26 55.14 -36.74 39.33
C ALA D 26 54.34 -35.43 39.31
N LEU D 27 53.77 -35.04 40.46
CA LEU D 27 52.66 -34.08 40.56
C LEU D 27 52.41 -33.73 42.02
N ASP D 28 52.33 -32.42 42.30
CA ASP D 28 52.11 -31.93 43.66
C ASP D 28 50.71 -32.17 44.23
N VAL D 29 49.66 -31.77 43.50
CA VAL D 29 48.30 -31.76 44.04
C VAL D 29 47.33 -32.23 42.98
N ILE D 30 46.32 -33.01 43.37
CA ILE D 30 45.24 -33.34 42.48
C ILE D 30 43.90 -32.91 43.10
N THR D 31 43.00 -32.37 42.27
CA THR D 31 41.58 -32.17 42.64
C THR D 31 40.59 -32.74 41.68
N PHE D 32 39.49 -33.22 42.27
CA PHE D 32 38.31 -33.61 41.55
C PHE D 32 37.24 -32.55 41.78
N GLY D 33 36.66 -32.04 40.68
CA GLY D 33 35.47 -31.21 40.74
C GLY D 33 34.90 -30.77 39.36
N GLU D 34 33.80 -30.02 39.43
CA GLU D 34 33.12 -29.45 38.28
C GLU D 34 33.54 -27.99 37.98
N ALA D 35 33.79 -27.68 36.72
CA ALA D 35 33.93 -26.29 36.32
C ALA D 35 32.75 -25.92 35.43
N LEU D 38 30.76 -19.22 33.45
CA LEU D 38 30.02 -18.17 34.10
C LEU D 38 29.78 -17.03 33.09
N LEU D 39 28.51 -16.80 32.80
CA LEU D 39 28.08 -15.62 32.06
C LEU D 39 27.68 -14.47 33.02
N VAL D 40 28.52 -13.45 33.07
CA VAL D 40 28.26 -12.27 33.89
C VAL D 40 27.62 -11.17 33.05
N ALA D 41 26.38 -10.85 33.40
CA ALA D 41 25.61 -9.72 32.82
C ALA D 41 26.42 -8.46 32.48
N ARG D 43 26.04 -4.68 32.82
CA ARG D 43 24.93 -3.79 33.18
C ARG D 43 23.88 -4.49 34.05
N PRO D 44 23.45 -3.84 35.17
CA PRO D 44 22.66 -4.43 36.28
C PRO D 44 21.15 -4.57 36.06
N GLY D 45 20.42 -4.90 37.12
CA GLY D 45 19.04 -5.33 37.01
C GLY D 45 18.87 -6.85 37.08
N PRO D 46 17.67 -7.33 36.70
CA PRO D 46 17.41 -8.75 36.66
C PRO D 46 18.02 -9.39 35.41
N LEU D 47 18.26 -10.69 35.46
CA LEU D 47 19.03 -11.37 34.41
C LEU D 47 18.31 -11.35 33.09
N GLU D 48 16.98 -11.43 33.16
CA GLU D 48 16.16 -11.47 31.97
C GLU D 48 16.29 -10.20 31.15
N HIS D 49 16.72 -9.12 31.80
CA HIS D 49 16.75 -7.82 31.14
C HIS D 49 18.10 -7.48 30.54
N ALA D 50 19.13 -8.21 30.93
CA ALA D 50 20.49 -7.97 30.43
C ALA D 50 20.62 -8.30 28.96
N GLU D 51 21.28 -7.45 28.19
CA GLU D 51 21.45 -7.72 26.77
C GLU D 51 22.81 -8.36 26.51
N ALA D 52 23.76 -8.14 27.42
CA ALA D 52 25.13 -8.63 27.20
C ALA D 52 25.77 -9.37 28.38
N PHE D 53 26.49 -10.44 28.03
CA PHE D 53 27.24 -11.23 29.01
C PHE D 53 28.70 -11.37 28.64
N HIS D 54 29.54 -11.28 29.67
CA HIS D 54 30.96 -11.68 29.58
C HIS D 54 31.24 -13.09 30.11
N LYS D 55 32.13 -13.82 29.45
CA LYS D 55 32.57 -15.12 29.95
C LYS D 55 33.48 -14.95 31.13
N ARG D 56 33.27 -15.77 32.15
CA ARG D 56 34.30 -16.04 33.12
C ARG D 56 34.29 -17.57 33.29
N THR D 57 35.07 -18.05 34.25
CA THR D 57 35.20 -19.44 34.61
C THR D 57 34.71 -19.52 36.03
N ALA D 58 34.02 -20.61 36.40
CA ALA D 58 33.60 -20.86 37.77
C ALA D 58 33.78 -22.32 38.18
N GLY D 59 33.87 -22.55 39.49
CA GLY D 59 34.09 -23.88 40.06
C GLY D 59 34.97 -23.75 41.28
N ALA D 60 34.54 -24.37 42.40
CA ALA D 60 35.25 -24.28 43.67
C ALA D 60 36.64 -24.91 43.64
N GLU D 61 36.72 -26.21 43.37
CA GLU D 61 38.02 -26.85 43.32
C GLU D 61 38.98 -26.27 42.27
N THR D 62 38.49 -26.01 41.06
CA THR D 62 39.26 -25.32 40.04
C THR D 62 39.79 -23.93 40.48
N ASN D 63 39.11 -23.22 41.37
CA ASN D 63 39.71 -21.97 41.85
C ASN D 63 40.93 -22.24 42.69
N VAL D 64 40.92 -23.34 43.44
CA VAL D 64 42.09 -23.67 44.23
C VAL D 64 43.18 -24.18 43.29
N ALA D 65 42.78 -24.99 42.30
CA ALA D 65 43.68 -25.46 41.24
C ALA D 65 44.48 -24.30 40.66
N ILE D 66 43.79 -23.28 40.14
CA ILE D 66 44.44 -22.07 39.63
C ILE D 66 45.35 -21.39 40.64
N GLY D 67 44.97 -21.34 41.89
CA GLY D 67 45.82 -20.70 42.86
C GLY D 67 47.17 -21.37 42.96
N LEU D 68 47.14 -22.69 43.12
CA LEU D 68 48.35 -23.49 43.26
C LEU D 68 49.20 -23.49 41.98
N ALA D 69 48.56 -23.62 40.83
CA ALA D 69 49.27 -23.53 39.57
C ALA D 69 50.04 -22.21 39.49
N ARG D 70 49.35 -21.07 39.61
CA ARG D 70 50.03 -19.75 39.62
C ARG D 70 51.18 -19.64 40.60
N LEU D 71 51.20 -20.44 41.66
CA LEU D 71 52.34 -20.40 42.58
C LEU D 71 53.43 -21.41 42.20
N GLY D 72 53.37 -21.92 40.98
CA GLY D 72 54.36 -22.83 40.44
C GLY D 72 54.29 -24.28 40.89
N LEU D 73 53.16 -24.71 41.41
CA LEU D 73 53.00 -26.12 41.76
C LEU D 73 52.41 -26.89 40.60
N LYS D 74 52.74 -28.18 40.53
CA LYS D 74 52.23 -29.08 39.49
C LYS D 74 50.91 -29.59 39.95
N VAL D 75 49.85 -29.24 39.23
CA VAL D 75 48.48 -29.59 39.63
C VAL D 75 47.77 -30.34 38.54
N GLY D 76 47.04 -31.40 38.89
CA GLY D 76 46.15 -32.06 37.94
C GLY D 76 44.70 -31.93 38.39
N TRP D 77 43.79 -31.85 37.44
CA TRP D 77 42.38 -31.72 37.74
C TRP D 77 41.68 -32.86 37.04
N ALA D 78 40.83 -33.58 37.77
CA ALA D 78 39.96 -34.55 37.14
C ALA D 78 38.49 -34.13 37.16
N SER D 79 37.77 -34.53 36.10
CA SER D 79 36.44 -34.01 35.83
C SER D 79 35.93 -34.52 34.52
N ARG D 80 34.71 -34.11 34.17
CA ARG D 80 34.14 -34.40 32.87
C ARG D 80 33.61 -33.13 32.24
N LEU D 81 33.50 -33.11 30.92
CA LEU D 81 32.96 -31.98 30.16
C LEU D 81 32.34 -32.48 28.88
N GLY D 82 31.39 -31.73 28.34
CA GLY D 82 30.88 -32.03 26.98
C GLY D 82 31.95 -31.70 25.95
N THR D 83 31.67 -31.90 24.68
CA THR D 83 32.66 -31.53 23.66
C THR D 83 32.28 -30.19 23.05
N ASP D 84 31.17 -29.63 23.51
CA ASP D 84 30.63 -28.34 23.08
C ASP D 84 31.59 -27.18 23.36
N SER D 85 31.23 -26.01 22.90
CA SER D 85 32.01 -24.82 23.04
C SER D 85 32.29 -24.34 24.42
N GLY D 87 32.56 -26.32 27.06
CA GLY D 87 33.49 -27.26 27.51
C GLY D 87 34.87 -27.05 26.94
N ARG D 88 34.94 -26.71 25.68
CA ARG D 88 36.20 -26.38 25.06
C ARG D 88 36.80 -25.15 25.63
N TYR D 89 35.99 -24.19 25.97
CA TYR D 89 36.51 -23.00 26.61
C TYR D 89 37.11 -23.30 27.99
N LEU D 90 36.48 -24.22 28.74
CA LEU D 90 36.92 -24.49 30.11
C LEU D 90 38.31 -25.12 30.14
N LEU D 91 38.46 -26.15 29.33
CA LEU D 91 39.74 -26.80 29.10
C LEU D 91 40.87 -25.79 28.76
N ALA D 92 40.64 -24.99 27.73
CA ALA D 92 41.60 -23.98 27.35
C ALA D 92 41.93 -23.14 28.56
N ALA D 93 40.93 -22.58 29.23
CA ALA D 93 41.21 -21.66 30.36
C ALA D 93 42.06 -22.32 31.44
N ALA D 95 44.04 -25.34 31.10
CA ALA D 95 45.32 -25.55 30.44
C ALA D 95 46.21 -24.31 30.44
N ALA D 96 45.63 -23.14 30.23
CA ALA D 96 46.42 -21.92 30.09
C ALA D 96 46.90 -21.44 31.43
N GLU D 97 46.31 -21.94 32.50
CA GLU D 97 46.78 -21.58 33.85
C GLU D 97 47.92 -22.49 34.33
N GLY D 98 48.11 -23.60 33.62
CA GLY D 98 49.23 -24.49 33.86
C GLY D 98 48.83 -25.82 34.46
N ILE D 99 47.58 -26.22 34.22
CA ILE D 99 46.99 -27.33 34.93
C ILE D 99 46.91 -28.53 34.01
N ASP D 100 47.42 -29.64 34.49
CA ASP D 100 47.33 -30.89 33.78
C ASP D 100 45.85 -31.22 33.66
N CYS D 101 45.33 -31.30 32.43
CA CYS D 101 43.92 -31.65 32.20
C CYS D 101 43.73 -32.99 31.54
N SER D 102 44.78 -33.80 31.52
CA SER D 102 44.74 -35.11 30.90
C SER D 102 43.61 -35.97 31.47
N HIS D 103 43.12 -35.65 32.66
CA HIS D 103 42.07 -36.49 33.23
C HIS D 103 40.68 -35.84 33.25
N VAL D 104 40.47 -34.98 32.27
CA VAL D 104 39.23 -34.32 32.06
C VAL D 104 38.69 -35.06 30.87
N VAL D 105 37.82 -36.01 31.12
CA VAL D 105 37.18 -36.74 30.04
C VAL D 105 36.23 -35.79 29.32
N CYS D 106 36.44 -35.61 28.03
CA CYS D 106 35.48 -34.87 27.20
C CYS D 106 34.55 -35.86 26.50
N ASP D 107 33.25 -35.66 26.69
CA ASP D 107 32.27 -36.65 26.29
C ASP D 107 31.18 -35.91 25.53
N ALA D 108 31.10 -36.17 24.22
CA ALA D 108 30.11 -35.51 23.37
C ALA D 108 28.63 -35.89 23.63
N THR D 109 28.44 -36.96 24.40
CA THR D 109 27.12 -37.44 24.83
C THR D 109 26.57 -36.66 26.04
N GLN D 110 27.43 -35.90 26.68
CA GLN D 110 27.03 -35.25 27.89
C GLN D 110 27.19 -33.74 27.72
N LYS D 111 26.72 -32.99 28.71
CA LYS D 111 26.75 -31.52 28.68
C LYS D 111 27.62 -30.87 29.76
N THR D 112 28.17 -29.70 29.43
CA THR D 112 28.89 -28.86 30.39
C THR D 112 27.85 -28.06 31.15
N GLY D 113 28.16 -27.65 32.37
CA GLY D 113 27.32 -26.72 33.09
C GLY D 113 27.77 -25.28 32.93
N PHE D 114 26.85 -24.35 33.19
CA PHE D 114 27.15 -22.93 33.09
C PHE D 114 26.31 -22.22 34.13
N GLN D 115 26.48 -20.92 34.26
CA GLN D 115 25.79 -20.20 35.30
C GLN D 115 25.78 -18.70 34.98
N PHE D 116 24.70 -18.02 35.40
CA PHE D 116 24.55 -16.56 35.23
C PHE D 116 24.70 -15.84 36.53
N LYS D 117 25.41 -14.73 36.49
CA LYS D 117 25.44 -13.79 37.60
C LYS D 117 25.16 -12.40 37.06
N GLY D 118 24.34 -11.64 37.81
CA GLY D 118 24.05 -10.24 37.48
C GLY D 118 25.06 -9.24 38.06
N LYS D 119 24.89 -7.96 37.75
CA LYS D 119 25.79 -6.91 38.26
C LYS D 119 25.30 -6.38 39.60
N VAL D 120 26.23 -6.24 40.54
CA VAL D 120 25.92 -5.75 41.87
C VAL D 120 26.39 -4.33 41.98
N THR D 121 25.51 -3.43 42.43
CA THR D 121 25.92 -2.06 42.83
C THR D 121 26.04 -1.84 44.37
N ASP D 122 25.19 -2.51 45.17
CA ASP D 122 25.25 -2.42 46.65
C ASP D 122 26.56 -2.96 47.27
N ASP D 125 26.08 -9.14 47.17
CA ASP D 125 26.60 -10.18 46.29
C ASP D 125 25.54 -10.59 45.28
N PRO D 126 25.92 -10.59 43.99
CA PRO D 126 24.90 -10.81 42.98
C PRO D 126 24.41 -12.23 43.16
N PRO D 127 23.09 -12.46 42.98
CA PRO D 127 22.65 -13.85 43.09
C PRO D 127 23.04 -14.61 41.81
N VAL D 128 23.51 -15.84 41.99
CA VAL D 128 24.00 -16.66 40.90
C VAL D 128 22.91 -17.64 40.51
N GLU D 129 22.56 -17.66 39.22
CA GLU D 129 21.68 -18.69 38.72
C GLU D 129 22.51 -19.83 38.07
N TYR D 130 22.21 -21.08 38.45
CA TYR D 130 23.01 -22.25 38.05
C TYR D 130 22.29 -23.14 37.04
N HIS D 131 23.06 -23.74 36.13
CA HIS D 131 22.51 -24.64 35.13
C HIS D 131 23.39 -25.87 35.01
N ARG D 132 23.27 -26.79 35.94
CA ARG D 132 24.26 -27.85 36.10
C ARG D 132 23.65 -29.21 36.44
N LYS D 133 22.34 -29.29 36.57
CA LYS D 133 21.71 -30.57 36.82
C LYS D 133 22.00 -31.44 35.64
N GLY D 134 22.37 -32.69 35.90
CA GLY D 134 22.70 -33.63 34.84
C GLY D 134 23.91 -33.29 33.97
N SER D 135 24.86 -32.51 34.50
CA SER D 135 26.04 -32.18 33.70
C SER D 135 26.99 -33.37 33.67
N ALA D 136 28.03 -33.26 32.85
CA ALA D 136 28.90 -34.38 32.60
C ALA D 136 29.62 -34.74 33.90
N ALA D 137 30.05 -33.70 34.62
CA ALA D 137 30.73 -33.87 35.89
C ALA D 137 29.85 -34.46 36.99
N SER D 138 28.54 -34.44 36.83
CA SER D 138 27.64 -35.04 37.83
C SER D 138 27.52 -36.51 37.59
N HIS D 139 28.02 -36.96 36.46
CA HIS D 139 27.98 -38.39 36.13
C HIS D 139 29.20 -39.16 36.64
N GLY D 141 31.83 -41.10 38.86
CA GLY D 141 31.76 -42.00 39.97
C GLY D 141 33.10 -42.63 40.19
N VAL D 142 33.10 -43.66 41.02
CA VAL D 142 34.28 -44.43 41.36
C VAL D 142 34.96 -45.01 40.12
N ALA D 143 34.17 -45.29 39.08
CA ALA D 143 34.75 -45.84 37.86
C ALA D 143 35.61 -44.80 37.17
N ASP D 144 35.40 -43.51 37.49
CA ASP D 144 36.12 -42.42 36.84
C ASP D 144 37.47 -42.19 37.44
N ILE D 145 37.74 -42.84 38.56
CA ILE D 145 39.05 -42.71 39.20
C ILE D 145 40.10 -43.57 38.45
N ASP D 146 41.24 -42.96 38.10
CA ASP D 146 42.40 -43.68 37.64
C ASP D 146 43.35 -43.75 38.79
N GLU D 147 43.30 -44.86 39.52
CA GLU D 147 44.13 -45.12 40.68
C GLU D 147 45.62 -44.76 40.50
N ALA D 148 46.30 -45.35 39.53
CA ALA D 148 47.76 -45.18 39.45
C ALA D 148 48.08 -43.71 39.36
N TRP D 149 47.19 -42.97 38.68
CA TRP D 149 47.39 -41.56 38.45
C TRP D 149 47.11 -40.76 39.70
N LEU D 150 46.03 -41.11 40.39
CA LEU D 150 45.76 -40.46 41.65
C LEU D 150 47.05 -40.55 42.45
N LEU D 151 47.57 -41.77 42.61
CA LEU D 151 48.69 -42.02 43.51
C LEU D 151 49.98 -41.34 43.13
N SER D 152 50.10 -40.94 41.86
CA SER D 152 51.31 -40.27 41.38
C SER D 152 51.49 -38.84 41.94
N ALA D 153 50.49 -38.41 42.72
CA ALA D 153 50.49 -37.09 43.31
C ALA D 153 50.88 -37.11 44.77
N ARG D 154 51.49 -36.03 45.23
CA ARG D 154 51.82 -35.90 46.66
C ARG D 154 50.60 -35.63 47.50
N HIS D 155 49.67 -34.85 46.95
CA HIS D 155 48.57 -34.31 47.75
C HIS D 155 47.23 -34.30 47.00
N LEU D 156 46.17 -34.67 47.71
CA LEU D 156 44.82 -34.56 47.20
C LEU D 156 44.10 -33.43 47.93
N HIS D 157 43.58 -32.46 47.18
CA HIS D 157 42.73 -31.47 47.82
C HIS D 157 41.30 -31.88 47.68
N ALA D 158 40.51 -31.76 48.73
CA ALA D 158 39.13 -32.18 48.62
C ALA D 158 38.18 -31.13 49.19
N THR D 159 36.96 -31.09 48.69
CA THR D 159 36.05 -30.02 49.08
C THR D 159 34.70 -30.60 49.31
N GLY D 160 33.82 -29.88 49.99
CA GLY D 160 32.45 -30.34 50.14
C GLY D 160 31.58 -30.00 48.94
N VAL D 161 32.17 -29.53 47.84
CA VAL D 161 31.36 -29.25 46.65
C VAL D 161 31.20 -30.46 45.79
N PHE D 162 32.31 -30.98 45.27
CA PHE D 162 32.29 -32.17 44.41
C PHE D 162 31.41 -33.34 44.96
N PRO D 163 31.67 -33.80 46.20
CA PRO D 163 30.76 -34.82 46.80
C PRO D 163 29.27 -34.45 46.83
N ALA D 164 28.94 -33.17 46.71
CA ALA D 164 27.57 -32.71 46.87
C ALA D 164 26.86 -32.77 45.54
N ILE D 165 27.63 -32.72 44.47
CA ILE D 165 27.07 -32.58 43.12
C ILE D 165 26.00 -33.59 42.79
N SER D 166 26.21 -34.88 43.07
CA SER D 166 25.23 -35.91 42.76
C SER D 166 25.35 -37.14 43.65
N ALA D 167 24.46 -38.10 43.41
CA ALA D 167 24.46 -39.39 44.09
C ALA D 167 25.70 -40.24 43.78
N THR D 168 26.24 -40.15 42.56
CA THR D 168 27.47 -40.86 42.21
C THR D 168 28.75 -40.21 42.75
N THR D 169 28.77 -38.89 42.89
CA THR D 169 30.03 -38.21 43.24
C THR D 169 30.46 -38.34 44.69
N LEU D 170 29.48 -38.46 45.59
CA LEU D 170 29.78 -38.65 46.99
C LEU D 170 30.66 -39.93 47.23
N PRO D 171 30.21 -41.11 46.73
CA PRO D 171 31.11 -42.27 46.80
C PRO D 171 32.46 -41.99 46.13
N ALA D 172 32.48 -41.35 44.96
CA ALA D 172 33.76 -41.04 44.29
C ALA D 172 34.71 -40.18 45.13
N ALA D 173 34.16 -39.24 45.90
CA ALA D 173 34.99 -38.43 46.77
C ALA D 173 35.50 -39.29 47.91
N ARG D 174 34.67 -40.21 48.42
CA ARG D 174 35.11 -41.08 49.48
C ARG D 174 36.29 -41.92 49.04
N LYS D 175 36.21 -42.53 47.87
CA LYS D 175 37.21 -43.51 47.49
C LYS D 175 38.52 -42.77 47.24
N THR D 176 38.40 -41.60 46.62
CA THR D 176 39.52 -40.70 46.35
C THR D 176 40.36 -40.41 47.62
N ASP D 178 40.20 -42.04 50.50
CA ASP D 178 40.59 -43.32 51.09
C ASP D 178 41.84 -43.87 50.42
N LEU D 179 41.83 -43.84 49.10
CA LEU D 179 42.86 -44.41 48.27
C LEU D 179 44.16 -43.74 48.57
N ARG D 181 44.88 -41.92 51.29
CA ARG D 181 45.32 -42.03 52.66
C ARG D 181 46.14 -43.31 52.86
N ALA D 182 45.58 -44.41 52.35
CA ALA D 182 46.19 -45.73 52.38
C ALA D 182 47.50 -45.81 51.62
N ALA D 183 47.71 -44.92 50.65
CA ALA D 183 49.01 -44.79 49.98
C ALA D 183 49.96 -43.88 50.78
N GLY D 184 49.49 -43.36 51.91
CA GLY D 184 50.33 -42.48 52.72
C GLY D 184 50.58 -41.13 52.04
N ARG D 185 49.60 -40.68 51.26
CA ARG D 185 49.61 -39.38 50.58
C ARG D 185 48.78 -38.34 51.35
N SER D 186 49.23 -37.10 51.40
CA SER D 186 48.50 -36.00 52.02
C SER D 186 47.05 -35.78 51.51
N VAL D 187 46.06 -35.78 52.43
CA VAL D 187 44.66 -35.44 52.11
C VAL D 187 44.14 -34.21 52.86
N SER D 188 43.70 -33.24 52.08
CA SER D 188 43.29 -31.92 52.50
C SER D 188 41.79 -31.83 52.32
N PHE D 189 41.04 -31.32 53.31
CA PHE D 189 39.58 -31.24 53.20
C PHE D 189 39.04 -29.94 53.70
N ASP D 190 38.38 -29.26 52.79
CA ASP D 190 37.76 -27.98 53.07
C ASP D 190 36.24 -28.17 53.11
N PRO D 191 35.68 -28.24 54.32
CA PRO D 191 34.28 -28.60 54.42
C PRO D 191 33.34 -27.48 53.96
N ASN D 192 33.38 -27.17 52.66
CA ASN D 192 32.53 -26.15 52.03
C ASN D 192 31.06 -26.54 52.19
N LEU D 193 30.20 -25.60 52.57
CA LEU D 193 28.77 -25.92 52.55
C LEU D 193 28.03 -25.29 51.37
N ARG D 194 27.35 -26.08 50.55
CA ARG D 194 26.42 -25.55 49.56
C ARG D 194 25.09 -26.23 49.78
N PRO D 195 24.18 -25.62 50.59
CA PRO D 195 22.88 -26.28 50.88
C PRO D 195 22.03 -26.58 49.67
N THR D 196 22.25 -25.85 48.58
CA THR D 196 21.52 -26.08 47.32
C THR D 196 21.71 -27.48 46.77
N LEU D 197 22.88 -28.08 47.04
CA LEU D 197 23.27 -29.31 46.39
C LEU D 197 22.83 -30.56 47.16
N TRP D 198 22.50 -30.40 48.43
CA TRP D 198 22.15 -31.54 49.27
C TRP D 198 20.67 -31.55 49.54
N ALA D 199 20.12 -32.74 49.65
CA ALA D 199 18.72 -32.97 49.99
C ALA D 199 18.24 -32.27 51.28
N THR D 200 18.93 -32.46 52.40
CA THR D 200 18.49 -31.90 53.69
C THR D 200 19.71 -31.45 54.47
N PRO D 201 19.53 -30.44 55.35
CA PRO D 201 20.72 -30.07 56.08
C PRO D 201 21.32 -31.25 56.82
N GLU D 202 20.49 -32.15 57.33
CA GLU D 202 21.01 -33.27 58.11
C GLU D 202 21.91 -34.14 57.24
N LEU D 203 21.46 -34.39 56.04
CA LEU D 203 22.21 -35.20 55.11
C LEU D 203 23.59 -34.57 54.80
N ARG D 205 25.34 -32.55 56.74
CA ARG D 205 26.19 -32.64 57.90
C ARG D 205 26.78 -34.03 58.07
N ASP D 206 25.97 -35.07 57.87
CA ASP D 206 26.45 -36.46 57.93
C ASP D 206 27.45 -36.74 56.83
N ALA D 207 27.15 -36.32 55.62
CA ALA D 207 28.13 -36.53 54.56
C ALA D 207 29.45 -35.77 54.80
N ILE D 208 29.37 -34.50 55.26
CA ILE D 208 30.60 -33.69 55.42
C ILE D 208 31.47 -34.25 56.54
N ASN D 209 30.87 -34.55 57.67
CA ASN D 209 31.68 -34.97 58.80
C ASN D 209 32.24 -36.35 58.57
N ASP D 210 31.51 -37.22 57.86
CA ASP D 210 32.00 -38.54 57.47
C ASP D 210 33.20 -38.45 56.54
N LEU D 211 33.13 -37.55 55.55
CA LEU D 211 34.32 -37.25 54.72
C LEU D 211 35.47 -36.66 55.53
N ALA D 212 35.20 -36.06 56.68
CA ALA D 212 36.30 -35.39 57.40
C ALA D 212 37.10 -36.44 58.12
N THR D 213 36.52 -37.63 58.14
CA THR D 213 37.06 -38.85 58.68
C THR D 213 38.19 -39.39 57.83
N ARG D 214 38.37 -38.79 56.67
CA ARG D 214 39.27 -39.35 55.71
C ARG D 214 40.34 -38.33 55.34
N ALA D 215 40.49 -37.28 56.15
CA ALA D 215 41.40 -36.23 55.82
C ALA D 215 42.48 -36.04 56.87
N ASP D 216 43.63 -35.58 56.42
CA ASP D 216 44.74 -35.26 57.29
C ASP D 216 44.61 -33.82 57.78
N TRP D 217 44.22 -32.93 56.86
CA TRP D 217 44.15 -31.49 57.11
C TRP D 217 42.72 -31.07 56.93
N VAL D 218 42.12 -30.48 57.95
CA VAL D 218 40.74 -30.02 57.79
C VAL D 218 40.71 -28.51 58.00
N LEU D 219 40.06 -27.84 57.06
CA LEU D 219 40.11 -26.38 56.93
C LEU D 219 38.73 -25.71 57.14
N PRO D 220 38.14 -25.77 58.35
CA PRO D 220 36.77 -25.23 58.50
C PRO D 220 36.61 -23.74 58.83
N GLY D 221 35.63 -23.09 58.21
CA GLY D 221 35.26 -21.72 58.56
C GLY D 221 34.62 -21.83 59.92
N GLU D 223 31.83 -20.47 60.99
CA GLU D 223 30.39 -20.59 60.98
C GLU D 223 29.94 -21.97 60.51
N GLU D 224 30.75 -22.59 59.69
CA GLU D 224 30.43 -23.93 59.20
C GLU D 224 30.72 -24.96 60.32
N GLY D 225 31.79 -24.71 61.07
CA GLY D 225 32.14 -25.50 62.21
C GLY D 225 31.09 -25.51 63.31
N ARG D 226 30.60 -24.33 63.70
CA ARG D 226 29.44 -24.27 64.59
C ARG D 226 28.34 -25.17 64.02
N PHE D 227 27.97 -24.97 62.74
CA PHE D 227 26.93 -25.76 62.10
C PHE D 227 27.23 -27.28 62.10
N LEU D 228 28.44 -27.69 61.73
CA LEU D 228 28.70 -29.10 61.57
C LEU D 228 28.91 -29.82 62.90
N THR D 229 29.30 -29.07 63.94
CA THR D 229 29.84 -29.66 65.16
C THR D 229 29.06 -29.24 66.39
N GLY D 230 28.38 -28.09 66.29
CA GLY D 230 27.71 -27.45 67.43
C GLY D 230 28.65 -26.78 68.42
N GLU D 231 29.93 -26.74 68.11
CA GLU D 231 30.89 -26.11 69.00
C GLU D 231 30.93 -24.61 68.80
N THR D 232 31.05 -23.84 69.87
CA THR D 232 30.90 -22.38 69.72
C THR D 232 32.25 -21.71 69.68
N THR D 233 33.31 -22.49 69.94
CA THR D 233 34.71 -22.01 69.93
C THR D 233 35.62 -22.73 68.95
N PRO D 234 36.60 -21.99 68.40
CA PRO D 234 37.57 -22.52 67.42
C PRO D 234 38.27 -23.74 67.97
N GLU D 235 38.57 -23.73 69.27
CA GLU D 235 39.25 -24.85 69.92
C GLU D 235 38.32 -26.06 69.87
N GLY D 236 37.02 -25.78 69.99
CA GLY D 236 35.97 -26.79 70.01
C GLY D 236 35.80 -27.43 68.69
N VAL D 237 35.72 -26.61 67.64
CA VAL D 237 35.76 -27.11 66.25
C VAL D 237 36.96 -27.98 65.99
N ALA D 238 38.14 -27.50 66.36
CA ALA D 238 39.36 -28.23 66.07
C ALA D 238 39.38 -29.59 66.77
N ARG D 239 39.08 -29.64 68.08
CA ARG D 239 39.14 -30.92 68.83
C ARG D 239 38.24 -31.95 68.13
N PHE D 240 37.02 -31.53 67.80
CA PHE D 240 36.10 -32.28 66.97
C PHE D 240 36.74 -32.86 65.70
N TYR D 241 37.52 -32.11 64.95
CA TYR D 241 38.10 -32.75 63.78
C TYR D 241 39.31 -33.62 64.11
N ARG D 242 40.01 -33.28 65.19
CA ARG D 242 41.12 -34.11 65.65
C ARG D 242 40.62 -35.48 66.13
N GLN D 243 39.51 -35.46 66.85
CA GLN D 243 38.92 -36.68 67.38
C GLN D 243 38.44 -37.61 66.22
N LEU D 244 38.01 -37.05 65.10
CA LEU D 244 37.68 -37.86 63.93
C LEU D 244 38.89 -38.24 63.14
N GLY D 245 40.07 -37.81 63.56
CA GLY D 245 41.31 -38.43 63.09
C GLY D 245 41.90 -37.64 61.97
N ALA D 246 42.70 -36.65 62.35
CA ALA D 246 43.08 -35.60 61.47
C ALA D 246 44.25 -35.01 62.17
N LYS D 247 45.37 -34.87 61.46
CA LYS D 247 46.62 -34.46 62.07
C LYS D 247 46.61 -32.96 62.30
N LEU D 248 45.85 -32.23 61.48
CA LEU D 248 45.85 -30.75 61.44
C LEU D 248 44.46 -30.19 61.20
N VAL D 249 44.00 -29.31 62.09
CA VAL D 249 42.80 -28.51 61.83
C VAL D 249 43.06 -26.98 61.87
N VAL D 250 42.84 -26.28 60.77
CA VAL D 250 42.97 -24.81 60.82
C VAL D 250 41.59 -24.17 60.71
N VAL D 251 41.16 -23.48 61.76
CA VAL D 251 39.88 -22.81 61.75
C VAL D 251 40.00 -21.35 61.33
N LYS D 252 39.25 -20.96 60.30
CA LYS D 252 39.25 -19.59 59.74
C LYS D 252 38.34 -18.67 60.53
N LEU D 253 38.90 -17.61 61.06
CA LEU D 253 38.14 -16.76 61.94
C LEU D 253 37.80 -15.41 61.32
N GLY D 254 38.12 -15.25 60.04
CA GLY D 254 37.79 -14.01 59.34
C GLY D 254 38.81 -12.95 59.69
N ALA D 255 38.34 -11.82 60.23
CA ALA D 255 39.21 -10.67 60.45
C ALA D 255 40.25 -10.97 61.52
N GLU D 256 39.84 -11.72 62.54
CA GLU D 256 40.70 -12.10 63.67
C GLU D 256 41.73 -13.14 63.26
N GLY D 257 41.72 -13.57 62.02
CA GLY D 257 42.74 -14.48 61.50
C GLY D 257 42.32 -15.94 61.41
N ALA D 258 43.09 -16.79 62.08
CA ALA D 258 42.91 -18.23 62.07
C ALA D 258 43.47 -18.88 63.33
N TYR D 259 42.91 -20.04 63.69
CA TYR D 259 43.36 -20.83 64.82
C TYR D 259 43.76 -22.22 64.31
N PHE D 260 44.81 -22.80 64.88
CA PHE D 260 45.27 -24.08 64.36
C PHE D 260 45.56 -25.08 65.44
N ASP D 261 45.30 -26.35 65.15
CA ASP D 261 45.47 -27.37 66.15
C ASP D 261 46.10 -28.54 65.44
N GLY D 262 47.36 -28.80 65.74
CA GLY D 262 48.09 -29.83 65.06
C GLY D 262 48.84 -30.71 66.04
N GLU D 263 49.50 -31.73 65.51
CA GLU D 263 50.33 -32.60 66.29
C GLU D 263 51.49 -31.86 67.01
N ALA D 264 52.01 -30.80 66.39
CA ALA D 264 53.05 -29.94 67.01
C ALA D 264 52.48 -29.02 68.11
N GLY D 265 51.18 -28.77 68.04
CA GLY D 265 50.46 -27.98 69.02
C GLY D 265 49.48 -26.99 68.40
N SER D 266 49.30 -25.89 69.13
CA SER D 266 48.17 -25.01 68.96
C SER D 266 48.56 -23.56 68.96
N GLY D 267 47.75 -22.74 68.31
CA GLY D 267 47.94 -21.32 68.41
C GLY D 267 47.05 -20.55 67.48
N ARG D 268 47.18 -19.22 67.51
CA ARG D 268 46.46 -18.31 66.64
C ARG D 268 47.43 -17.59 65.74
N VAL D 269 46.97 -17.15 64.56
CA VAL D 269 47.77 -16.36 63.59
C VAL D 269 46.92 -15.17 63.15
N ALA D 270 47.50 -13.95 63.18
CA ALA D 270 46.75 -12.70 63.21
C ALA D 270 45.92 -12.34 61.99
N GLY D 271 46.38 -12.68 60.81
CA GLY D 271 45.61 -12.29 59.64
C GLY D 271 45.75 -10.83 59.27
N PHE D 272 44.91 -10.39 58.35
CA PHE D 272 45.16 -9.18 57.58
C PHE D 272 43.99 -8.18 57.57
N PRO D 273 44.28 -6.87 57.30
CA PRO D 273 43.31 -5.74 57.36
C PRO D 273 41.98 -5.85 56.57
N VAL D 274 42.05 -5.92 55.23
CA VAL D 274 40.88 -5.70 54.34
C VAL D 274 40.35 -4.26 54.43
N GLY D 282 35.67 -16.96 48.24
CA GLY D 282 36.77 -16.13 47.73
C GLY D 282 37.96 -16.06 48.69
N ALA D 283 37.69 -15.63 49.93
CA ALA D 283 38.75 -15.64 50.91
C ALA D 283 39.08 -17.06 51.35
N GLY D 284 38.09 -17.96 51.35
CA GLY D 284 38.33 -19.36 51.72
C GLY D 284 39.26 -20.08 50.75
N ASP D 285 38.88 -20.08 49.47
CA ASP D 285 39.70 -20.66 48.40
C ASP D 285 41.19 -20.14 48.46
N GLY D 286 41.34 -18.82 48.59
CA GLY D 286 42.63 -18.21 48.72
C GLY D 286 43.30 -18.65 49.99
N PHE D 287 42.52 -18.91 51.04
CA PHE D 287 43.17 -19.29 52.28
C PHE D 287 43.66 -20.72 52.12
N ALA D 288 42.89 -21.55 51.40
CA ALA D 288 43.24 -22.94 51.15
C ALA D 288 44.48 -23.05 50.23
N VAL D 289 44.54 -22.19 49.19
CA VAL D 289 45.71 -22.04 48.32
C VAL D 289 46.95 -21.72 49.16
N GLY D 290 46.77 -20.80 50.09
CA GLY D 290 47.80 -20.52 51.10
C GLY D 290 48.40 -21.70 51.89
N VAL D 291 47.59 -22.43 52.66
CA VAL D 291 48.20 -23.44 53.54
C VAL D 291 48.70 -24.66 52.76
N ILE D 292 47.94 -25.11 51.78
CA ILE D 292 48.33 -26.27 51.03
C ILE D 292 49.68 -25.99 50.37
N SER D 293 49.80 -24.82 49.76
CA SER D 293 50.99 -24.45 49.02
C SER D 293 52.17 -24.33 49.95
N ALA D 294 51.96 -23.82 51.15
CA ALA D 294 53.07 -23.65 52.12
C ALA D 294 53.54 -24.95 52.80
N LEU D 295 52.58 -25.71 53.33
CA LEU D 295 52.82 -27.04 53.86
C LEU D 295 53.54 -27.94 52.85
N LEU D 296 53.18 -27.83 51.57
CA LEU D 296 53.91 -28.57 50.52
C LEU D 296 55.33 -28.01 50.20
N ASP D 297 55.54 -26.68 50.34
CA ASP D 297 56.83 -26.07 50.07
C ASP D 297 57.72 -26.36 51.25
N GLY D 298 57.17 -27.12 52.20
CA GLY D 298 57.89 -27.55 53.41
C GLY D 298 57.86 -26.59 54.59
N LEU D 299 57.02 -25.56 54.50
CA LEU D 299 56.96 -24.54 55.54
C LEU D 299 56.29 -25.03 56.81
N GLY D 300 56.48 -24.30 57.91
CA GLY D 300 55.91 -24.66 59.19
C GLY D 300 54.43 -24.36 59.19
N VAL D 301 53.69 -24.90 60.14
CA VAL D 301 52.27 -24.65 60.23
C VAL D 301 51.87 -23.21 60.52
N PRO D 302 52.58 -22.50 61.51
CA PRO D 302 52.23 -21.08 61.58
C PRO D 302 52.52 -20.32 60.31
N GLU D 303 53.63 -20.57 59.66
CA GLU D 303 53.95 -19.90 58.42
C GLU D 303 53.01 -20.15 57.25
N ALA D 304 52.56 -21.37 57.13
CA ALA D 304 51.50 -21.77 56.20
C ALA D 304 50.18 -21.05 56.44
N VAL D 305 49.78 -20.95 57.71
CA VAL D 305 48.57 -20.23 58.05
C VAL D 305 48.67 -18.74 57.63
N LYS D 306 49.83 -18.12 57.90
CA LYS D 306 50.10 -16.75 57.48
C LYS D 306 49.90 -16.56 55.97
N ARG D 307 50.42 -17.51 55.21
CA ARG D 307 50.27 -17.42 53.75
C ARG D 307 48.79 -17.39 53.37
N GLY D 308 47.98 -18.19 54.06
CA GLY D 308 46.59 -18.36 53.74
C GLY D 308 45.84 -17.12 54.14
N ALA D 309 46.16 -16.63 55.33
CA ALA D 309 45.63 -15.33 55.72
C ALA D 309 45.98 -14.32 54.63
N TRP D 310 47.22 -14.33 54.14
CA TRP D 310 47.61 -13.33 53.15
C TRP D 310 46.86 -13.46 51.82
N ILE D 311 46.82 -14.67 51.26
CA ILE D 311 46.04 -14.87 50.03
C ILE D 311 44.52 -14.79 50.27
N GLY D 312 44.06 -15.15 51.46
CA GLY D 312 42.66 -15.01 51.84
C GLY D 312 42.22 -13.55 51.77
N ALA D 313 42.86 -12.72 52.59
CA ALA D 313 42.67 -11.27 52.54
C ALA D 313 42.85 -10.71 51.13
N ARG D 314 43.96 -11.09 50.50
CA ARG D 314 44.37 -10.53 49.22
C ARG D 314 43.44 -10.73 48.02
N ALA D 315 42.70 -11.83 47.98
CA ALA D 315 41.91 -12.22 46.79
C ALA D 315 40.48 -11.70 46.85
N VAL D 316 39.99 -11.50 48.08
CA VAL D 316 38.71 -10.85 48.36
C VAL D 316 38.66 -9.39 47.85
N GLN D 317 39.66 -9.00 47.06
CA GLN D 317 39.67 -7.70 46.35
C GLN D 317 39.15 -7.84 44.91
N GLY D 324 42.20 -12.66 41.08
CA GLY D 324 43.19 -12.02 41.93
C GLY D 324 43.96 -13.01 42.82
N LEU D 325 44.24 -14.20 42.29
CA LEU D 325 45.09 -15.16 43.02
C LEU D 325 46.57 -15.04 42.60
N PRO D 326 47.45 -14.68 43.54
CA PRO D 326 48.83 -14.32 43.30
C PRO D 326 49.67 -15.37 42.65
N THR D 327 50.66 -14.91 41.90
CA THR D 327 51.81 -15.69 41.41
C THR D 327 52.85 -15.72 42.52
N ARG D 328 53.85 -16.58 42.37
CA ARG D 328 55.05 -16.54 43.20
C ARG D 328 55.69 -15.16 43.24
N ALA D 329 55.67 -14.45 42.11
CA ALA D 329 56.21 -13.09 42.03
C ALA D 329 55.66 -12.19 43.11
N GLU D 330 54.33 -12.11 43.18
CA GLU D 330 53.66 -11.26 44.16
C GLU D 330 53.76 -11.81 45.57
N LEU D 331 53.86 -13.14 45.69
CA LEU D 331 53.99 -13.78 46.99
C LEU D 331 55.26 -13.27 47.65
N ASN D 332 56.38 -13.59 47.01
CA ASN D 332 57.72 -13.16 47.45
C ASN D 332 57.90 -11.67 47.71
N ALA D 333 57.27 -10.83 46.89
CA ALA D 333 57.27 -9.38 47.10
C ALA D 333 56.66 -8.91 48.43
N ALA D 334 55.60 -9.55 48.92
CA ALA D 334 54.92 -9.08 50.14
C ALA D 334 55.66 -9.34 51.48
N LYS D 335 56.71 -10.17 51.45
CA LYS D 335 57.50 -10.60 52.64
C LYS D 335 57.33 -12.09 53.01
#